data_4EKK
#
_entry.id   4EKK
#
_cell.length_a   86.637
_cell.length_b   55.853
_cell.length_c   91.402
_cell.angle_alpha   90.00
_cell.angle_beta   103.43
_cell.angle_gamma   90.00
#
_symmetry.space_group_name_H-M   'P 1 21 1'
#
loop_
_entity.id
_entity.type
_entity.pdbx_description
1 polymer 'RAC-alpha serine/threonine-protein kinase'
2 polymer 'Glycogen synthase kinase-3 beta'
3 non-polymer 'PHOSPHOAMINOPHOSPHONIC ACID-ADENYLATE ESTER'
4 non-polymer 'MANGANESE (II) ION'
5 water water
#
loop_
_entity_poly.entity_id
_entity_poly.type
_entity_poly.pdbx_seq_one_letter_code
_entity_poly.pdbx_strand_id
1 'polypeptide(L)'
;GAMARVTMNEFEYLKLLGKGTFGKVILVKEKATGRYYAMKILKKEVIVAKDEVAHTLTENRVLQNSRHPFLTALKYSFQT
HDRLCFVMEYANGGELFFHLSRERVFSEDRARFYGAEIVSALDYLHSEKNVVYRDLKLENLMLDKDGHIKITDFGLCKEG
IKDGATMK(TPO)FCGTPEYLAPEVLEDNDYGRAVDWWGLGVVMYEMMCGRLPFYNQDHEKLFELILMEEIRFPRTLGPE
AKSLLSGLLKKDPKQRLGGGSEDAKEIMQHRFFAGIVWQHVYEKKLSPPFKPQVTSETDTRYFDEEFTAQMITITPPDQD
DSMECVDSERRPHFPQFDYSASSTA
;
A,B
2 'polypeptide(L)' GRPRTTSFAE C,D
#
loop_
_chem_comp.id
_chem_comp.type
_chem_comp.name
_chem_comp.formula
ANP non-polymer 'PHOSPHOAMINOPHOSPHONIC ACID-ADENYLATE ESTER' 'C10 H17 N6 O12 P3'
MN non-polymer 'MANGANESE (II) ION' 'Mn 2'
#
# COMPACT_ATOMS: atom_id res chain seq x y z
N ARG A 5 30.32 -14.24 5.58
CA ARG A 5 31.03 -12.96 5.89
C ARG A 5 30.98 -12.59 7.37
N VAL A 6 30.21 -13.36 8.15
CA VAL A 6 30.01 -13.07 9.57
C VAL A 6 30.25 -14.28 10.47
N THR A 7 31.09 -14.11 11.49
CA THR A 7 31.36 -15.15 12.47
C THR A 7 30.86 -14.74 13.86
N MET A 8 31.07 -15.61 14.84
CA MET A 8 30.71 -15.36 16.24
C MET A 8 31.39 -14.08 16.73
N ASN A 9 32.70 -13.99 16.48
CA ASN A 9 33.47 -12.77 16.66
C ASN A 9 33.05 -11.78 15.57
N GLU A 10 32.47 -10.66 16.03
CA GLU A 10 31.94 -9.56 15.20
C GLU A 10 30.89 -8.84 16.02
N PHE A 11 30.50 -9.48 17.12
CA PHE A 11 29.45 -8.98 18.00
C PHE A 11 29.89 -8.97 19.46
N GLU A 12 29.35 -8.01 20.21
CA GLU A 12 29.54 -7.96 21.65
C GLU A 12 28.28 -8.47 22.32
N TYR A 13 28.41 -9.57 23.05
CA TYR A 13 27.30 -10.18 23.76
C TYR A 13 27.07 -9.46 25.08
N LEU A 14 25.98 -8.69 25.15
CA LEU A 14 25.78 -7.72 26.22
C LEU A 14 24.84 -8.13 27.34
N LYS A 15 23.68 -8.68 26.99
CA LYS A 15 22.65 -8.98 27.98
C LYS A 15 21.69 -10.05 27.48
N LEU A 16 21.43 -11.05 28.32
CA LEU A 16 20.49 -12.13 27.97
C LEU A 16 19.08 -11.58 27.89
N LEU A 17 18.35 -11.96 26.85
CA LEU A 17 16.99 -11.47 26.63
C LEU A 17 15.93 -12.52 26.94
N GLY A 18 16.22 -13.78 26.64
CA GLY A 18 15.28 -14.88 26.85
C GLY A 18 15.96 -16.24 26.75
N LYS A 19 15.21 -17.28 27.07
CA LYS A 19 15.71 -18.65 26.98
C LYS A 19 14.58 -19.64 26.71
N GLY A 20 14.35 -19.89 25.42
CA GLY A 20 13.32 -20.84 24.98
C GLY A 20 13.76 -22.30 25.09
N THR A 21 12.89 -23.19 24.60
CA THR A 21 13.11 -24.63 24.63
C THR A 21 14.40 -25.03 23.91
N PHE A 22 14.66 -24.40 22.77
CA PHE A 22 15.67 -24.86 21.83
C PHE A 22 16.93 -23.99 21.77
N GLY A 23 16.91 -22.84 22.45
CA GLY A 23 18.08 -21.96 22.48
C GLY A 23 17.88 -20.62 23.17
N LYS A 24 18.90 -19.78 23.11
CA LYS A 24 18.92 -18.50 23.83
C LYS A 24 18.95 -17.27 22.91
N VAL A 25 18.30 -16.20 23.36
CA VAL A 25 18.28 -14.93 22.65
C VAL A 25 19.09 -13.88 23.39
N ILE A 26 20.20 -13.44 22.79
CA ILE A 26 21.12 -12.50 23.43
C ILE A 26 21.08 -11.13 22.74
N LEU A 27 21.02 -10.06 23.54
CA LEU A 27 21.18 -8.69 23.05
C LEU A 27 22.64 -8.44 22.66
N VAL A 28 22.84 -8.04 21.41
CA VAL A 28 24.19 -7.88 20.85
C VAL A 28 24.44 -6.49 20.21
N LYS A 29 25.68 -6.03 20.28
CA LYS A 29 26.13 -4.85 19.53
C LYS A 29 27.12 -5.29 18.47
N GLU A 30 26.93 -4.81 17.25
CA GLU A 30 27.85 -5.11 16.13
C GLU A 30 29.14 -4.30 16.25
N LYS A 31 30.27 -5.00 16.21
CA LYS A 31 31.58 -4.36 16.33
C LYS A 31 31.86 -3.40 15.17
N ALA A 32 31.59 -3.85 13.94
CA ALA A 32 31.89 -3.08 12.74
C ALA A 32 31.03 -1.82 12.56
N THR A 33 29.84 -1.79 13.18
CA THR A 33 28.88 -0.72 12.89
C THR A 33 28.16 -0.09 14.10
N GLY A 34 28.25 -0.72 15.27
CA GLY A 34 27.74 -0.13 16.51
C GLY A 34 26.25 -0.22 16.79
N ARG A 35 25.49 -0.71 15.81
CA ARG A 35 24.05 -0.87 15.97
C ARG A 35 23.74 -2.14 16.76
N TYR A 36 22.59 -2.14 17.43
CA TYR A 36 22.21 -3.23 18.31
C TYR A 36 21.22 -4.18 17.66
N TYR A 37 21.39 -5.47 17.95
CA TYR A 37 20.51 -6.50 17.42
C TYR A 37 20.15 -7.53 18.50
N ALA A 38 19.27 -8.46 18.14
CA ALA A 38 18.92 -9.58 19.02
C ALA A 38 19.27 -10.88 18.32
N MET A 39 20.16 -11.66 18.92
CA MET A 39 20.63 -12.89 18.31
C MET A 39 19.95 -14.12 18.88
N LYS A 40 19.40 -14.95 17.99
CA LYS A 40 18.86 -16.25 18.38
C LYS A 40 19.95 -17.27 18.13
N ILE A 41 20.46 -17.84 19.23
CA ILE A 41 21.53 -18.82 19.17
C ILE A 41 21.00 -20.22 19.46
N LEU A 42 21.28 -21.14 18.55
CA LEU A 42 20.78 -22.50 18.64
C LEU A 42 21.90 -23.52 18.46
N LYS A 43 22.01 -24.44 19.41
CA LYS A 43 22.99 -25.52 19.31
C LYS A 43 22.50 -26.60 18.35
N LYS A 44 23.33 -26.92 17.35
CA LYS A 44 23.00 -27.95 16.36
C LYS A 44 22.71 -29.28 17.03
N GLU A 45 23.49 -29.61 18.06
CA GLU A 45 23.35 -30.84 18.84
C GLU A 45 21.89 -31.09 19.22
N VAL A 46 21.25 -30.03 19.74
CA VAL A 46 19.83 -30.08 20.11
C VAL A 46 18.98 -30.24 18.86
N ILE A 47 19.12 -29.30 17.94
CA ILE A 47 18.33 -29.23 16.72
C ILE A 47 18.17 -30.59 16.03
N VAL A 48 19.28 -31.29 15.80
CA VAL A 48 19.26 -32.56 15.07
C VAL A 48 18.64 -33.68 15.90
N ALA A 49 19.01 -33.73 17.19
CA ALA A 49 18.51 -34.77 18.10
C ALA A 49 17.02 -34.59 18.36
N LYS A 50 16.61 -33.36 18.66
CA LYS A 50 15.20 -33.08 18.97
C LYS A 50 14.36 -32.81 17.71
N ASP A 51 14.89 -33.21 16.55
CA ASP A 51 14.18 -33.19 15.27
C ASP A 51 13.61 -31.80 14.91
N GLU A 52 14.40 -30.76 15.13
CA GLU A 52 13.94 -29.38 14.93
C GLU A 52 14.50 -28.72 13.66
N VAL A 53 15.25 -29.49 12.86
CA VAL A 53 15.88 -28.98 11.64
C VAL A 53 14.89 -28.33 10.69
N ALA A 54 13.76 -28.99 10.44
CA ALA A 54 12.76 -28.47 9.52
C ALA A 54 12.25 -27.09 9.92
N HIS A 55 11.89 -26.91 11.19
CA HIS A 55 11.40 -25.62 11.70
C HIS A 55 12.46 -24.54 11.55
N THR A 56 13.69 -24.88 11.93
CA THR A 56 14.83 -23.98 11.78
C THR A 56 14.98 -23.49 10.33
N LEU A 57 14.81 -24.40 9.38
CA LEU A 57 14.97 -24.05 7.97
C LEU A 57 13.81 -23.20 7.44
N THR A 58 12.61 -23.42 7.97
CA THR A 58 11.45 -22.65 7.53
C THR A 58 11.54 -21.23 8.09
N GLU A 59 12.04 -21.13 9.32
CA GLU A 59 12.18 -19.84 10.00
C GLU A 59 13.22 -18.97 9.31
N ASN A 60 14.27 -19.62 8.81
CA ASN A 60 15.36 -18.92 8.14
C ASN A 60 14.89 -18.30 6.84
N ARG A 61 14.20 -19.10 6.02
CA ARG A 61 13.69 -18.65 4.73
C ARG A 61 12.66 -17.53 4.86
N VAL A 62 11.79 -17.65 5.87
CA VAL A 62 10.67 -16.73 6.06
C VAL A 62 11.14 -15.31 6.42
N LEU A 63 12.08 -15.21 7.36
CA LEU A 63 12.71 -13.93 7.69
C LEU A 63 13.37 -13.33 6.46
N GLN A 64 14.20 -14.14 5.80
CA GLN A 64 14.92 -13.76 4.58
C GLN A 64 14.02 -13.21 3.49
N ASN A 65 12.90 -13.88 3.28
CA ASN A 65 11.97 -13.56 2.21
C ASN A 65 10.85 -12.59 2.61
N SER A 66 10.99 -11.91 3.75
CA SER A 66 9.98 -10.93 4.18
C SER A 66 10.56 -9.57 4.58
N ARG A 67 9.83 -8.50 4.23
CA ARG A 67 10.16 -7.12 4.62
C ARG A 67 8.86 -6.36 4.93
N HIS A 68 8.53 -6.26 6.22
CA HIS A 68 7.33 -5.55 6.65
C HIS A 68 7.61 -4.76 7.93
N PRO A 69 7.05 -3.54 8.04
CA PRO A 69 7.20 -2.70 9.25
C PRO A 69 6.85 -3.38 10.58
N PHE A 70 6.11 -4.48 10.54
CA PHE A 70 5.69 -5.15 11.78
C PHE A 70 6.17 -6.60 11.89
N LEU A 71 7.15 -6.95 11.06
CA LEU A 71 7.88 -8.21 11.20
C LEU A 71 9.34 -7.89 11.48
N THR A 72 9.94 -8.54 12.49
CA THR A 72 11.36 -8.33 12.78
C THR A 72 12.17 -8.77 11.57
N ALA A 73 13.02 -7.86 11.08
CA ALA A 73 13.87 -8.13 9.92
C ALA A 73 15.12 -8.92 10.31
N LEU A 74 15.55 -9.82 9.42
CA LEU A 74 16.81 -10.55 9.60
C LEU A 74 17.98 -9.82 8.94
N LYS A 75 19.00 -9.48 9.73
CA LYS A 75 20.21 -8.82 9.21
C LYS A 75 21.17 -9.85 8.62
N TYR A 76 21.77 -10.66 9.48
CA TYR A 76 22.55 -11.81 9.05
C TYR A 76 21.96 -13.09 9.64
N SER A 77 22.25 -14.22 9.00
CA SER A 77 22.12 -15.52 9.68
C SER A 77 23.33 -16.37 9.31
N PHE A 78 24.04 -16.85 10.34
CA PHE A 78 25.29 -17.59 10.15
C PHE A 78 25.37 -18.82 11.04
N GLN A 79 26.19 -19.78 10.64
CA GLN A 79 26.45 -20.97 11.44
C GLN A 79 27.91 -21.06 11.87
N THR A 80 28.15 -21.61 13.06
CA THR A 80 29.48 -22.06 13.45
C THR A 80 29.53 -23.57 13.22
N HIS A 81 30.60 -24.21 13.68
CA HIS A 81 30.71 -25.67 13.62
C HIS A 81 29.60 -26.36 14.42
N ASP A 82 29.14 -25.68 15.48
CA ASP A 82 28.22 -26.27 16.45
C ASP A 82 26.93 -25.48 16.66
N ARG A 83 26.93 -24.20 16.26
CA ARG A 83 25.80 -23.29 16.53
C ARG A 83 25.13 -22.70 15.27
N LEU A 84 23.85 -22.40 15.40
CA LEU A 84 23.08 -21.67 14.38
C LEU A 84 22.65 -20.32 14.96
N CYS A 85 22.79 -19.26 14.18
CA CYS A 85 22.56 -17.90 14.69
C CYS A 85 21.75 -17.01 13.76
N PHE A 86 20.68 -16.45 14.31
CA PHE A 86 19.84 -15.48 13.62
C PHE A 86 20.07 -14.09 14.22
N VAL A 87 20.75 -13.22 13.46
CA VAL A 87 20.94 -11.83 13.88
C VAL A 87 19.75 -11.01 13.43
N MET A 88 18.92 -10.60 14.39
CA MET A 88 17.62 -9.97 14.12
C MET A 88 17.51 -8.54 14.60
N GLU A 89 16.59 -7.80 13.98
CA GLU A 89 16.18 -6.48 14.43
C GLU A 89 15.70 -6.55 15.88
N TYR A 90 16.28 -5.71 16.74
CA TYR A 90 16.03 -5.75 18.18
C TYR A 90 14.77 -4.98 18.59
N ALA A 91 13.92 -5.63 19.39
CA ALA A 91 12.69 -5.01 19.86
C ALA A 91 12.84 -4.52 21.31
N ASN A 92 13.06 -3.22 21.45
CA ASN A 92 13.36 -2.59 22.74
C ASN A 92 12.22 -2.68 23.73
N GLY A 93 11.00 -2.68 23.21
CA GLY A 93 9.82 -2.52 24.03
C GLY A 93 9.39 -3.77 24.76
N GLY A 94 10.00 -4.90 24.43
CA GLY A 94 9.65 -6.17 25.05
C GLY A 94 8.36 -6.77 24.52
N GLU A 95 7.93 -7.87 25.13
CA GLU A 95 6.70 -8.58 24.73
C GLU A 95 5.45 -7.85 25.20
N LEU A 96 4.40 -7.95 24.39
CA LEU A 96 3.06 -7.55 24.80
C LEU A 96 2.63 -8.26 26.08
N PHE A 97 3.05 -9.51 26.22
CA PHE A 97 2.76 -10.33 27.40
C PHE A 97 3.31 -9.69 28.67
N PHE A 98 4.47 -9.06 28.56
CA PHE A 98 5.08 -8.33 29.67
C PHE A 98 4.13 -7.23 30.15
N HIS A 99 3.77 -6.31 29.26
CA HIS A 99 2.96 -5.12 29.58
C HIS A 99 1.54 -5.44 30.08
N LEU A 100 0.91 -6.43 29.45
CA LEU A 100 -0.45 -6.82 29.80
C LEU A 100 -0.53 -7.50 31.17
N SER A 101 0.46 -8.34 31.50
CA SER A 101 0.59 -8.93 32.83
C SER A 101 0.62 -7.85 33.93
N ARG A 102 1.33 -6.76 33.68
CA ARG A 102 1.40 -5.63 34.60
C ARG A 102 0.14 -4.78 34.62
N GLU A 103 -0.47 -4.58 33.45
CA GLU A 103 -1.61 -3.65 33.33
C GLU A 103 -2.98 -4.32 33.36
N ARG A 104 -3.00 -5.66 33.42
CA ARG A 104 -4.23 -6.47 33.32
C ARG A 104 -4.96 -6.35 31.98
N VAL A 105 -5.34 -5.12 31.62
CA VAL A 105 -6.18 -4.84 30.46
C VAL A 105 -5.61 -3.66 29.64
N PHE A 106 -5.82 -3.69 28.33
CA PHE A 106 -5.56 -2.51 27.50
C PHE A 106 -6.91 -1.89 27.15
N SER A 107 -6.92 -0.59 26.91
CA SER A 107 -8.13 0.07 26.41
C SER A 107 -8.46 -0.41 24.99
N GLU A 108 -9.70 -0.23 24.58
CA GLU A 108 -10.13 -0.66 23.24
C GLU A 108 -9.36 0.06 22.15
N ASP A 109 -9.03 1.33 22.37
CA ASP A 109 -8.22 2.10 21.41
C ASP A 109 -6.82 1.49 21.25
N ARG A 110 -6.20 1.17 22.37
CA ARG A 110 -4.87 0.57 22.40
C ARG A 110 -4.89 -0.80 21.72
N ALA A 111 -5.98 -1.53 21.92
CA ALA A 111 -6.16 -2.86 21.36
C ALA A 111 -6.35 -2.77 19.84
N ARG A 112 -7.13 -1.78 19.42
CA ARG A 112 -7.33 -1.52 18.00
C ARG A 112 -6.00 -1.23 17.29
N PHE A 113 -5.15 -0.43 17.93
CA PHE A 113 -3.85 -0.07 17.37
C PHE A 113 -2.93 -1.27 17.16
N TYR A 114 -2.78 -2.11 18.19
CA TYR A 114 -1.99 -3.32 18.05
C TYR A 114 -2.66 -4.27 17.05
N GLY A 115 -3.97 -4.44 17.19
CA GLY A 115 -4.77 -5.27 16.30
C GLY A 115 -4.55 -4.97 14.83
N ALA A 116 -4.69 -3.70 14.46
CA ALA A 116 -4.49 -3.24 13.09
C ALA A 116 -3.09 -3.56 12.54
N GLU A 117 -2.08 -3.34 13.36
CA GLU A 117 -0.70 -3.56 12.93
C GLU A 117 -0.40 -5.04 12.77
N ILE A 118 -1.06 -5.87 13.57
CA ILE A 118 -0.95 -7.32 13.44
C ILE A 118 -1.71 -7.77 12.20
N VAL A 119 -2.85 -7.11 11.93
CA VAL A 119 -3.61 -7.43 10.72
C VAL A 119 -2.80 -7.08 9.47
N SER A 120 -2.15 -5.91 9.48
CA SER A 120 -1.28 -5.49 8.37
C SER A 120 -0.15 -6.49 8.07
N ALA A 121 0.47 -7.02 9.12
CA ALA A 121 1.55 -7.99 8.96
C ALA A 121 1.04 -9.33 8.46
N LEU A 122 -0.06 -9.81 9.04
CA LEU A 122 -0.61 -11.12 8.70
C LEU A 122 -1.19 -11.14 7.31
N ASP A 123 -1.75 -10.01 6.88
CA ASP A 123 -2.22 -9.81 5.50
C ASP A 123 -1.08 -9.98 4.52
N TYR A 124 0.04 -9.33 4.81
CA TYR A 124 1.22 -9.39 3.97
C TYR A 124 1.72 -10.83 3.82
N LEU A 125 1.90 -11.53 4.94
CA LEU A 125 2.32 -12.93 4.92
C LEU A 125 1.39 -13.82 4.08
N HIS A 126 0.08 -13.63 4.22
CA HIS A 126 -0.90 -14.42 3.49
C HIS A 126 -0.91 -14.10 2.00
N SER A 127 -1.33 -12.87 1.68
CA SER A 127 -1.50 -12.40 0.30
C SER A 127 -0.22 -12.34 -0.53
N GLU A 128 0.91 -12.01 0.10
CA GLU A 128 2.12 -11.70 -0.67
C GLU A 128 3.24 -12.73 -0.57
N LYS A 129 3.28 -13.45 0.54
CA LYS A 129 4.32 -14.44 0.76
C LYS A 129 3.80 -15.87 0.79
N ASN A 130 2.48 -16.01 0.86
CA ASN A 130 1.82 -17.32 0.94
C ASN A 130 2.25 -18.12 2.18
N VAL A 131 2.40 -17.40 3.29
CA VAL A 131 2.79 -17.96 4.56
C VAL A 131 1.61 -17.91 5.53
N VAL A 132 1.54 -18.90 6.41
CA VAL A 132 0.63 -18.84 7.54
C VAL A 132 1.47 -18.89 8.82
N TYR A 133 1.30 -17.88 9.67
CA TYR A 133 2.14 -17.76 10.88
C TYR A 133 1.95 -18.93 11.87
N ARG A 134 0.71 -19.37 12.03
CA ARG A 134 0.37 -20.55 12.84
C ARG A 134 0.59 -20.47 14.36
N ASP A 135 1.41 -19.54 14.84
CA ASP A 135 1.75 -19.50 16.26
C ASP A 135 1.51 -18.13 16.94
N LEU A 136 0.43 -17.46 16.60
CA LEU A 136 0.15 -16.13 17.16
C LEU A 136 -0.16 -16.20 18.66
N LYS A 137 0.48 -15.31 19.43
CA LYS A 137 0.34 -15.25 20.89
C LYS A 137 1.06 -14.04 21.48
N LEU A 138 0.61 -13.64 22.67
CA LEU A 138 1.15 -12.49 23.38
C LEU A 138 2.67 -12.46 23.49
N GLU A 139 3.29 -13.63 23.59
CA GLU A 139 4.74 -13.76 23.73
C GLU A 139 5.49 -13.46 22.44
N ASN A 140 4.90 -13.87 21.32
CA ASN A 140 5.54 -13.69 20.02
C ASN A 140 5.37 -12.26 19.49
N LEU A 141 4.60 -11.45 20.22
CA LEU A 141 4.28 -10.08 19.82
C LEU A 141 5.04 -9.08 20.66
N MET A 142 5.97 -8.39 20.02
CA MET A 142 6.88 -7.51 20.73
C MET A 142 6.69 -6.08 20.29
N LEU A 143 7.28 -5.17 21.05
CA LEU A 143 7.23 -3.76 20.74
C LEU A 143 8.61 -3.25 20.39
N ASP A 144 8.71 -2.38 19.38
CA ASP A 144 9.97 -1.70 19.14
C ASP A 144 10.10 -0.47 20.03
N LYS A 145 11.27 0.18 19.97
CA LYS A 145 11.58 1.38 20.74
C LYS A 145 10.54 2.51 20.70
N ASP A 146 9.70 2.51 19.66
CA ASP A 146 8.63 3.50 19.50
C ASP A 146 7.28 3.01 20.04
N GLY A 147 7.11 1.70 20.10
CA GLY A 147 5.85 1.11 20.57
C GLY A 147 5.00 0.54 19.46
N HIS A 148 5.64 0.23 18.34
CA HIS A 148 5.00 -0.43 17.22
C HIS A 148 5.18 -1.95 17.36
N ILE A 149 4.22 -2.70 16.82
CA ILE A 149 4.24 -4.16 16.88
C ILE A 149 5.39 -4.75 16.07
N LYS A 150 6.08 -5.71 16.66
CA LYS A 150 7.02 -6.54 15.92
C LYS A 150 6.68 -8.00 16.17
N ILE A 151 6.28 -8.71 15.12
CA ILE A 151 6.08 -10.14 15.22
C ILE A 151 7.42 -10.81 14.98
N THR A 152 7.89 -11.54 15.99
CA THR A 152 9.09 -12.36 15.85
C THR A 152 8.71 -13.83 15.97
N ASP A 153 9.72 -14.71 15.91
CA ASP A 153 9.56 -16.16 16.06
C ASP A 153 8.79 -16.78 14.90
N PHE A 154 9.50 -17.21 13.87
CA PHE A 154 8.88 -17.73 12.66
C PHE A 154 9.11 -19.22 12.45
N GLY A 155 9.40 -19.91 13.54
CA GLY A 155 9.72 -21.33 13.50
C GLY A 155 8.56 -22.23 13.13
N LEU A 156 7.33 -21.77 13.37
CA LEU A 156 6.15 -22.61 13.14
C LEU A 156 5.35 -22.23 11.90
N CYS A 157 5.94 -21.41 11.04
CA CYS A 157 5.31 -20.99 9.78
C CYS A 157 5.12 -22.13 8.78
N LYS A 158 4.15 -21.97 7.90
CA LYS A 158 4.02 -22.83 6.74
C LYS A 158 4.16 -21.99 5.47
N GLU A 159 4.93 -22.49 4.52
CA GLU A 159 5.12 -21.83 3.23
C GLU A 159 4.34 -22.53 2.12
N GLY A 160 4.21 -21.85 0.98
CA GLY A 160 3.52 -22.39 -0.18
C GLY A 160 2.02 -22.55 0.02
N ILE A 161 1.46 -21.78 0.95
CA ILE A 161 0.01 -21.82 1.22
C ILE A 161 -0.76 -20.69 0.51
N LYS A 162 -1.44 -21.03 -0.58
CA LYS A 162 -2.24 -20.06 -1.31
C LYS A 162 -3.70 -20.09 -0.86
N ASP A 163 -4.62 -20.21 -1.82
CA ASP A 163 -6.08 -20.23 -1.59
C ASP A 163 -6.55 -21.03 -0.36
N GLY A 164 -7.34 -22.08 -0.61
CA GLY A 164 -7.80 -22.96 0.45
C GLY A 164 -6.84 -24.13 0.64
N ALA A 165 -5.57 -23.92 0.28
CA ALA A 165 -4.54 -24.90 0.56
C ALA A 165 -4.56 -25.20 2.06
N THR A 166 -4.50 -26.49 2.41
CA THR A 166 -4.66 -26.90 3.78
C THR A 166 -3.43 -27.64 4.33
N MET A 167 -3.36 -27.67 5.66
CA MET A 167 -2.25 -28.25 6.43
C MET A 167 -2.81 -29.34 7.34
N LYS A 168 -1.92 -30.15 7.94
CA LYS A 168 -2.30 -31.26 8.81
C LYS A 168 -1.62 -31.18 10.18
N TPO A 169 -0.40 -30.66 10.21
CA TPO A 169 0.45 -30.66 11.39
CB TPO A 169 1.78 -29.98 11.07
CG2 TPO A 169 2.85 -30.18 12.16
OG1 TPO A 169 2.26 -30.56 9.87
P TPO A 169 2.55 -29.67 8.56
O1P TPO A 169 3.37 -28.48 9.02
O2P TPO A 169 1.16 -29.37 8.06
O3P TPO A 169 3.32 -30.63 7.68
C TPO A 169 -0.16 -30.06 12.63
O TPO A 169 -0.74 -28.97 12.58
N PHE A 170 -0.04 -30.80 13.73
CA PHE A 170 -0.49 -30.35 15.04
C PHE A 170 0.64 -29.56 15.69
N CYS A 171 0.51 -28.24 15.68
CA CYS A 171 1.54 -27.36 16.23
C CYS A 171 0.94 -26.03 16.65
N GLY A 172 1.75 -25.20 17.32
CA GLY A 172 1.33 -23.93 17.88
C GLY A 172 1.54 -23.88 19.38
N THR A 173 0.74 -23.09 20.09
CA THR A 173 0.71 -23.09 21.54
C THR A 173 -0.69 -23.49 22.02
N PRO A 174 -0.79 -24.54 22.87
CA PRO A 174 -2.06 -25.18 23.21
C PRO A 174 -3.21 -24.22 23.52
N GLU A 175 -2.93 -23.15 24.26
CA GLU A 175 -3.97 -22.18 24.63
C GLU A 175 -4.55 -21.46 23.41
N TYR A 176 -3.76 -21.37 22.34
CA TYR A 176 -4.11 -20.53 21.19
C TYR A 176 -4.62 -21.28 19.97
N LEU A 177 -4.75 -22.60 20.10
CA LEU A 177 -5.06 -23.47 18.98
C LEU A 177 -6.50 -23.34 18.50
N ALA A 178 -6.67 -23.18 17.19
CA ALA A 178 -7.99 -23.08 16.59
C ALA A 178 -8.70 -24.44 16.69
N PRO A 179 -10.04 -24.42 16.84
CA PRO A 179 -10.83 -25.65 16.91
C PRO A 179 -10.51 -26.64 15.79
N GLU A 180 -10.46 -26.18 14.54
CA GLU A 180 -10.13 -27.07 13.42
C GLU A 180 -8.79 -27.79 13.58
N VAL A 181 -7.80 -27.16 14.22
CA VAL A 181 -6.52 -27.81 14.50
C VAL A 181 -6.71 -28.90 15.56
N LEU A 182 -7.58 -28.63 16.53
CA LEU A 182 -7.85 -29.55 17.61
C LEU A 182 -8.71 -30.74 17.17
N GLU A 183 -9.57 -30.50 16.17
CA GLU A 183 -10.38 -31.54 15.56
C GLU A 183 -9.51 -32.53 14.76
N ASP A 184 -8.28 -32.11 14.50
CA ASP A 184 -7.30 -32.84 13.67
C ASP A 184 -7.70 -33.04 12.22
N ASN A 185 -8.65 -32.26 11.71
CA ASN A 185 -8.85 -32.24 10.26
C ASN A 185 -8.16 -31.02 9.62
N ASP A 186 -8.02 -31.05 8.30
CA ASP A 186 -7.27 -30.02 7.56
C ASP A 186 -7.65 -28.58 7.94
N TYR A 187 -6.70 -27.65 7.79
CA TYR A 187 -6.94 -26.24 8.09
C TYR A 187 -6.12 -25.31 7.19
N GLY A 188 -6.55 -24.07 7.05
CA GLY A 188 -5.88 -23.12 6.17
C GLY A 188 -5.40 -21.89 6.89
N ARG A 189 -5.27 -20.80 6.13
CA ARG A 189 -4.79 -19.53 6.67
C ARG A 189 -5.71 -18.92 7.73
N ALA A 190 -6.92 -19.48 7.86
CA ALA A 190 -7.89 -19.01 8.86
C ALA A 190 -7.46 -19.21 10.32
N VAL A 191 -6.54 -20.14 10.57
CA VAL A 191 -6.07 -20.37 11.94
C VAL A 191 -5.44 -19.12 12.55
N ASP A 192 -4.81 -18.31 11.70
CA ASP A 192 -4.22 -17.07 12.13
C ASP A 192 -5.27 -16.11 12.67
N TRP A 193 -6.45 -16.09 12.05
CA TRP A 193 -7.48 -15.15 12.44
C TRP A 193 -8.14 -15.57 13.74
N TRP A 194 -8.20 -16.88 13.98
CA TRP A 194 -8.57 -17.40 15.28
C TRP A 194 -7.60 -16.86 16.33
N GLY A 195 -6.31 -16.98 16.02
CA GLY A 195 -5.22 -16.51 16.86
C GLY A 195 -5.27 -15.03 17.15
N LEU A 196 -5.61 -14.23 16.15
CA LEU A 196 -5.79 -12.79 16.35
C LEU A 196 -6.95 -12.58 17.30
N GLY A 197 -8.02 -13.33 17.08
CA GLY A 197 -9.15 -13.34 17.98
C GLY A 197 -8.75 -13.53 19.42
N VAL A 198 -7.94 -14.55 19.70
CA VAL A 198 -7.50 -14.86 21.07
C VAL A 198 -6.63 -13.75 21.68
N VAL A 199 -5.63 -13.26 20.95
CA VAL A 199 -4.76 -12.23 21.53
C VAL A 199 -5.53 -10.94 21.78
N MET A 200 -6.45 -10.60 20.88
CA MET A 200 -7.26 -9.40 21.05
C MET A 200 -8.32 -9.55 22.14
N TYR A 201 -8.71 -10.80 22.43
CA TYR A 201 -9.59 -11.09 23.56
C TYR A 201 -8.80 -10.83 24.83
N GLU A 202 -7.57 -11.30 24.84
CA GLU A 202 -6.69 -11.13 25.99
C GLU A 202 -6.43 -9.68 26.28
N MET A 203 -6.19 -8.90 25.22
CA MET A 203 -5.91 -7.47 25.35
C MET A 203 -7.08 -6.70 25.93
N MET A 204 -8.29 -7.06 25.53
CA MET A 204 -9.47 -6.28 25.93
C MET A 204 -10.20 -6.81 27.14
N CYS A 205 -9.93 -8.05 27.51
CA CYS A 205 -10.62 -8.70 28.62
C CYS A 205 -9.68 -9.07 29.75
N GLY A 206 -8.39 -9.19 29.46
CA GLY A 206 -7.40 -9.50 30.48
C GLY A 206 -7.27 -10.99 30.80
N ARG A 207 -7.82 -11.82 29.93
CA ARG A 207 -7.69 -13.28 30.03
C ARG A 207 -7.87 -13.97 28.69
N LEU A 208 -7.44 -15.22 28.62
CA LEU A 208 -7.73 -16.09 27.49
C LEU A 208 -9.22 -16.38 27.48
N PRO A 209 -9.82 -16.50 26.27
CA PRO A 209 -11.26 -16.78 26.17
C PRO A 209 -11.63 -18.15 26.73
N PHE A 210 -10.70 -19.10 26.67
CA PHE A 210 -10.88 -20.39 27.29
C PHE A 210 -9.62 -20.75 28.06
N TYR A 211 -9.79 -21.18 29.31
CA TYR A 211 -8.67 -21.59 30.13
C TYR A 211 -8.97 -22.69 31.15
N ASN A 212 -8.11 -23.70 31.12
CA ASN A 212 -7.89 -24.64 32.20
C ASN A 212 -6.42 -25.01 32.12
N GLN A 213 -5.79 -25.35 33.24
CA GLN A 213 -4.36 -25.67 33.19
C GLN A 213 -4.05 -27.09 32.69
N ASP A 214 -5.10 -27.88 32.45
CA ASP A 214 -4.95 -29.20 31.86
C ASP A 214 -5.25 -29.14 30.36
N HIS A 215 -4.23 -29.38 29.54
CA HIS A 215 -4.38 -29.28 28.09
C HIS A 215 -5.64 -29.96 27.52
N GLU A 216 -5.97 -31.15 28.00
CA GLU A 216 -7.15 -31.88 27.48
C GLU A 216 -8.46 -31.14 27.78
N LYS A 217 -8.65 -30.76 29.04
CA LYS A 217 -9.80 -29.96 29.44
C LYS A 217 -9.80 -28.59 28.76
N LEU A 218 -8.64 -27.96 28.66
CA LEU A 218 -8.47 -26.75 27.86
C LEU A 218 -9.08 -26.92 26.47
N PHE A 219 -8.67 -27.99 25.78
CA PHE A 219 -9.13 -28.27 24.42
C PHE A 219 -10.62 -28.58 24.39
N GLU A 220 -11.15 -29.07 25.51
CA GLU A 220 -12.57 -29.37 25.62
C GLU A 220 -13.39 -28.08 25.52
N LEU A 221 -12.95 -27.04 26.21
CA LEU A 221 -13.61 -25.75 26.19
C LEU A 221 -13.48 -25.09 24.81
N ILE A 222 -12.28 -25.11 24.24
CA ILE A 222 -12.03 -24.54 22.91
C ILE A 222 -12.95 -25.15 21.84
N LEU A 223 -13.27 -26.42 21.98
CA LEU A 223 -14.14 -27.10 21.01
C LEU A 223 -15.63 -26.92 21.29
N MET A 224 -16.00 -26.87 22.58
CA MET A 224 -17.41 -26.97 22.99
C MET A 224 -18.04 -25.66 23.47
N GLU A 225 -17.29 -24.90 24.25
CA GLU A 225 -17.84 -23.79 25.01
C GLU A 225 -18.12 -22.54 24.18
N GLU A 226 -19.33 -22.03 24.30
CA GLU A 226 -19.76 -20.79 23.65
C GLU A 226 -19.03 -19.61 24.27
N ILE A 227 -18.54 -18.71 23.42
CA ILE A 227 -17.74 -17.56 23.86
C ILE A 227 -18.54 -16.60 24.78
N ARG A 228 -17.86 -16.05 25.77
CA ARG A 228 -18.47 -15.10 26.70
C ARG A 228 -17.56 -13.91 26.87
N PHE A 229 -18.18 -12.75 27.02
CA PHE A 229 -17.47 -11.47 27.06
C PHE A 229 -17.77 -10.75 28.36
N PRO A 230 -16.82 -9.93 28.85
CA PRO A 230 -17.09 -8.99 29.95
C PRO A 230 -18.22 -8.02 29.59
N ARG A 231 -18.97 -7.60 30.60
CA ARG A 231 -20.12 -6.74 30.37
C ARG A 231 -19.77 -5.30 30.06
N THR A 232 -18.53 -4.91 30.35
CA THR A 232 -17.96 -3.63 29.95
C THR A 232 -17.80 -3.50 28.44
N LEU A 233 -17.49 -4.63 27.80
CA LEU A 233 -17.04 -4.62 26.41
C LEU A 233 -18.07 -4.01 25.46
N GLY A 234 -17.56 -3.20 24.54
CA GLY A 234 -18.40 -2.48 23.58
C GLY A 234 -18.87 -3.36 22.43
N PRO A 235 -19.96 -2.95 21.75
CA PRO A 235 -20.58 -3.72 20.66
C PRO A 235 -19.62 -4.07 19.50
N GLU A 236 -18.81 -3.10 19.07
CA GLU A 236 -17.90 -3.29 17.95
C GLU A 236 -16.82 -4.31 18.25
N ALA A 237 -16.27 -4.24 19.47
CA ALA A 237 -15.26 -5.18 19.93
C ALA A 237 -15.85 -6.58 20.04
N LYS A 238 -17.04 -6.66 20.61
CA LYS A 238 -17.70 -7.93 20.87
C LYS A 238 -18.01 -8.66 19.56
N SER A 239 -18.44 -7.91 18.56
CA SER A 239 -18.73 -8.44 17.24
C SER A 239 -17.48 -8.96 16.55
N LEU A 240 -16.40 -8.17 16.60
CA LEU A 240 -15.14 -8.57 16.01
C LEU A 240 -14.62 -9.84 16.66
N LEU A 241 -14.58 -9.85 18.00
CA LEU A 241 -14.12 -11.02 18.75
C LEU A 241 -15.00 -12.24 18.49
N SER A 242 -16.32 -12.06 18.42
CA SER A 242 -17.24 -13.15 18.03
C SER A 242 -16.90 -13.69 16.65
N GLY A 243 -16.65 -12.78 15.70
CA GLY A 243 -16.36 -13.14 14.33
C GLY A 243 -15.03 -13.85 14.16
N LEU A 244 -14.01 -13.39 14.88
CA LEU A 244 -12.70 -14.01 14.81
C LEU A 244 -12.69 -15.37 15.49
N LEU A 245 -13.52 -15.51 16.53
CA LEU A 245 -13.52 -16.72 17.35
C LEU A 245 -14.67 -17.67 17.03
N LYS A 246 -15.18 -17.62 15.81
CA LYS A 246 -16.11 -18.64 15.33
C LYS A 246 -15.36 -19.95 15.26
N LYS A 247 -15.98 -21.01 15.79
CA LYS A 247 -15.33 -22.31 15.86
C LYS A 247 -15.15 -22.97 14.50
N ASP A 248 -16.13 -22.79 13.62
CA ASP A 248 -16.04 -23.28 12.23
C ASP A 248 -15.38 -22.24 11.31
N PRO A 249 -14.15 -22.54 10.84
CA PRO A 249 -13.35 -21.57 10.06
C PRO A 249 -14.02 -21.03 8.80
N LYS A 250 -15.02 -21.74 8.28
CA LYS A 250 -15.76 -21.27 7.12
C LYS A 250 -16.78 -20.19 7.48
N GLN A 251 -17.04 -20.03 8.79
CA GLN A 251 -17.90 -18.96 9.30
C GLN A 251 -17.09 -17.83 9.93
N ARG A 252 -15.78 -18.02 10.00
CA ARG A 252 -14.89 -17.09 10.69
C ARG A 252 -14.61 -15.84 9.87
N LEU A 253 -14.56 -14.70 10.56
CA LEU A 253 -14.09 -13.47 9.96
C LEU A 253 -12.63 -13.67 9.53
N GLY A 254 -12.37 -13.52 8.22
CA GLY A 254 -11.05 -13.79 7.66
C GLY A 254 -10.97 -15.13 6.94
N GLY A 255 -11.98 -15.98 7.17
CA GLY A 255 -11.98 -17.34 6.66
C GLY A 255 -12.30 -17.52 5.19
N GLY A 256 -12.88 -16.49 4.57
CA GLY A 256 -13.21 -16.55 3.14
C GLY A 256 -12.03 -16.28 2.22
N SER A 257 -12.33 -16.16 0.93
CA SER A 257 -11.34 -15.80 -0.09
C SER A 257 -10.78 -14.39 0.12
N GLU A 258 -11.60 -13.51 0.66
CA GLU A 258 -11.23 -12.11 0.88
C GLU A 258 -10.25 -11.96 2.04
N ASP A 259 -10.02 -13.06 2.77
CA ASP A 259 -8.99 -13.16 3.82
C ASP A 259 -8.97 -11.96 4.78
N ALA A 260 -7.84 -11.25 4.82
CA ALA A 260 -7.61 -10.14 5.75
C ALA A 260 -8.56 -8.97 5.51
N LYS A 261 -8.99 -8.82 4.28
CA LYS A 261 -9.86 -7.72 3.86
C LYS A 261 -11.20 -7.71 4.58
N GLU A 262 -11.71 -8.91 4.88
CA GLU A 262 -12.95 -9.05 5.63
C GLU A 262 -12.85 -8.41 7.02
N ILE A 263 -11.71 -8.61 7.67
CA ILE A 263 -11.45 -8.08 9.00
C ILE A 263 -11.16 -6.58 8.98
N MET A 264 -10.51 -6.13 7.90
CA MET A 264 -10.19 -4.71 7.71
C MET A 264 -11.46 -3.87 7.55
N GLN A 265 -12.43 -4.43 6.83
CA GLN A 265 -13.73 -3.82 6.58
C GLN A 265 -14.62 -3.75 7.82
N HIS A 266 -14.22 -4.44 8.88
CA HIS A 266 -15.06 -4.58 10.05
C HIS A 266 -15.21 -3.26 10.79
N ARG A 267 -16.44 -3.01 11.23
CA ARG A 267 -16.83 -1.75 11.85
C ARG A 267 -15.99 -1.38 13.07
N PHE A 268 -15.45 -2.38 13.76
CA PHE A 268 -14.52 -2.11 14.87
C PHE A 268 -13.31 -1.34 14.38
N PHE A 269 -12.90 -1.59 13.13
CA PHE A 269 -11.73 -0.92 12.58
C PHE A 269 -12.06 0.36 11.83
N ALA A 270 -13.32 0.81 11.91
CA ALA A 270 -13.78 2.05 11.25
C ALA A 270 -12.83 3.22 11.48
N GLY A 271 -12.61 4.00 10.44
CA GLY A 271 -11.74 5.15 10.53
C GLY A 271 -10.25 4.84 10.54
N ILE A 272 -9.89 3.57 10.56
CA ILE A 272 -8.48 3.21 10.37
C ILE A 272 -8.14 3.24 8.89
N VAL A 273 -7.12 4.02 8.54
CA VAL A 273 -6.60 4.07 7.19
C VAL A 273 -5.47 3.05 7.09
N TRP A 274 -5.70 1.99 6.35
CA TRP A 274 -4.78 0.85 6.32
C TRP A 274 -3.42 1.16 5.69
N GLN A 275 -3.39 2.09 4.73
CA GLN A 275 -2.11 2.55 4.19
C GLN A 275 -1.32 3.30 5.26
N HIS A 276 -2.02 4.13 6.05
CA HIS A 276 -1.37 4.89 7.13
C HIS A 276 -0.83 3.99 8.23
N VAL A 277 -1.48 2.85 8.46
CA VAL A 277 -1.02 1.84 9.42
C VAL A 277 0.31 1.25 8.98
N TYR A 278 0.40 0.88 7.70
CA TYR A 278 1.62 0.32 7.10
C TYR A 278 2.77 1.33 7.13
N GLU A 279 2.43 2.62 6.98
CA GLU A 279 3.42 3.69 6.94
C GLU A 279 3.77 4.20 8.35
N LYS A 280 3.10 3.64 9.36
CA LYS A 280 3.33 3.96 10.77
C LYS A 280 2.93 5.37 11.16
N LYS A 281 2.04 5.98 10.37
CA LYS A 281 1.60 7.35 10.65
C LYS A 281 0.80 7.51 11.96
N LEU A 282 0.18 6.42 12.43
CA LEU A 282 -0.62 6.44 13.67
C LEU A 282 0.21 6.55 14.95
N SER A 283 -0.28 7.33 15.92
CA SER A 283 0.42 7.52 17.19
C SER A 283 0.26 6.34 18.14
N PRO A 284 1.39 5.68 18.49
CA PRO A 284 1.36 4.56 19.41
C PRO A 284 0.91 5.05 20.79
N PRO A 285 -0.18 4.47 21.32
CA PRO A 285 -0.78 4.91 22.59
C PRO A 285 0.12 4.64 23.80
N PHE A 286 1.19 3.87 23.60
CA PHE A 286 2.17 3.62 24.65
C PHE A 286 3.57 3.78 24.09
N LYS A 287 4.36 4.61 24.75
CA LYS A 287 5.75 4.76 24.37
C LYS A 287 6.63 4.06 25.39
N PRO A 288 7.46 3.11 24.93
CA PRO A 288 8.48 2.51 25.80
C PRO A 288 9.43 3.59 26.28
N GLN A 289 9.73 3.57 27.58
CA GLN A 289 10.56 4.61 28.19
C GLN A 289 11.99 4.12 28.42
N VAL A 290 12.59 3.53 27.39
CA VAL A 290 13.97 3.05 27.49
C VAL A 290 14.93 4.21 27.33
N THR A 291 15.81 4.35 28.33
CA THR A 291 16.83 5.41 28.32
C THR A 291 17.86 5.14 27.21
N SER A 292 18.69 4.12 27.41
CA SER A 292 19.70 3.74 26.43
C SER A 292 19.20 2.57 25.58
N GLU A 293 20.06 2.11 24.68
CA GLU A 293 19.74 0.98 23.82
C GLU A 293 19.83 -0.33 24.60
N THR A 294 20.71 -0.37 25.61
CA THR A 294 20.92 -1.55 26.44
C THR A 294 19.94 -1.66 27.62
N ASP A 295 18.98 -0.73 27.68
CA ASP A 295 17.92 -0.73 28.68
C ASP A 295 16.97 -1.92 28.45
N THR A 296 17.10 -2.96 29.28
CA THR A 296 16.24 -4.13 29.17
C THR A 296 15.11 -4.14 30.20
N ARG A 297 14.69 -2.93 30.57
CA ARG A 297 13.58 -2.68 31.49
C ARG A 297 12.35 -3.56 31.27
N TYR A 298 11.96 -3.74 30.00
CA TYR A 298 10.71 -4.41 29.67
C TYR A 298 10.86 -5.90 29.38
N PHE A 299 11.98 -6.47 29.81
CA PHE A 299 12.22 -7.90 29.71
C PHE A 299 12.31 -8.46 31.13
N ASP A 300 11.65 -9.60 31.36
CA ASP A 300 11.56 -10.16 32.72
C ASP A 300 12.93 -10.31 33.35
N GLU A 301 13.05 -9.87 34.61
CA GLU A 301 14.34 -9.72 35.31
C GLU A 301 15.04 -11.07 35.56
N GLU A 302 14.24 -12.13 35.59
CA GLU A 302 14.72 -13.51 35.69
C GLU A 302 15.78 -13.84 34.63
N PHE A 303 15.58 -13.31 33.42
CA PHE A 303 16.50 -13.52 32.28
C PHE A 303 17.69 -12.55 32.29
N THR A 304 17.38 -11.25 32.38
CA THR A 304 18.34 -10.17 32.10
C THR A 304 19.36 -9.87 33.22
N ALA A 305 19.89 -10.91 33.85
CA ALA A 305 20.81 -10.71 34.97
C ALA A 305 22.01 -11.65 34.97
N GLN A 306 21.85 -12.81 34.33
CA GLN A 306 22.88 -13.85 34.29
C GLN A 306 24.13 -13.43 33.52
N MET A 307 25.28 -13.96 33.95
CA MET A 307 26.54 -13.79 33.21
C MET A 307 26.47 -14.57 31.88
N ILE A 308 27.54 -14.54 31.11
CA ILE A 308 27.59 -15.24 29.82
C ILE A 308 28.45 -16.51 29.87
N SER A 324 29.15 -33.66 11.70
CA SER A 324 29.03 -35.09 11.42
C SER A 324 27.56 -35.53 11.30
N GLU A 325 26.98 -36.00 12.39
CA GLU A 325 25.56 -36.35 12.47
C GLU A 325 24.85 -35.58 13.57
N ARG A 326 25.61 -35.18 14.60
CA ARG A 326 25.09 -34.34 15.68
C ARG A 326 25.37 -32.85 15.44
N ARG A 327 26.45 -32.58 14.72
CA ARG A 327 26.82 -31.22 14.34
C ARG A 327 27.11 -31.15 12.83
N PRO A 328 26.07 -31.34 11.98
CA PRO A 328 26.31 -31.30 10.55
C PRO A 328 26.47 -29.87 10.03
N HIS A 329 26.73 -29.75 8.73
CA HIS A 329 26.71 -28.45 8.06
C HIS A 329 25.28 -28.19 7.59
N PHE A 330 24.93 -26.92 7.44
CA PHE A 330 23.62 -26.53 6.94
C PHE A 330 23.75 -25.85 5.58
N PRO A 331 23.58 -26.61 4.48
CA PRO A 331 23.68 -26.06 3.13
C PRO A 331 22.80 -24.83 2.93
N GLN A 332 23.40 -23.75 2.44
CA GLN A 332 22.73 -22.48 2.13
C GLN A 332 22.02 -21.82 3.33
N PHE A 333 22.57 -22.03 4.53
CA PHE A 333 22.00 -21.40 5.74
C PHE A 333 22.42 -19.94 5.86
N ASP A 334 23.72 -19.68 5.65
CA ASP A 334 24.31 -18.35 5.79
C ASP A 334 23.64 -17.29 4.91
N TYR A 335 23.32 -16.15 5.50
CA TYR A 335 22.61 -15.09 4.80
C TYR A 335 23.06 -13.72 5.29
N SER A 336 23.14 -12.77 4.35
CA SER A 336 23.37 -11.37 4.65
C SER A 336 22.42 -10.51 3.82
N ALA A 337 21.99 -9.39 4.39
CA ALA A 337 21.05 -8.48 3.74
C ALA A 337 21.75 -7.41 2.89
N SER A 338 20.96 -6.50 2.31
CA SER A 338 21.51 -5.41 1.49
C SER A 338 22.11 -4.31 2.35
N ARG B 5 19.35 17.23 -30.92
CA ARG B 5 20.46 16.27 -30.69
C ARG B 5 20.88 16.33 -29.21
N VAL B 6 20.02 15.82 -28.33
CA VAL B 6 20.07 16.08 -26.89
C VAL B 6 20.53 14.89 -26.05
N THR B 7 21.29 15.18 -24.99
CA THR B 7 21.72 14.18 -24.01
C THR B 7 21.39 14.64 -22.57
N MET B 8 21.89 13.91 -21.59
CA MET B 8 21.63 14.16 -20.16
C MET B 8 22.32 15.43 -19.63
N ASN B 9 23.50 15.74 -20.17
CA ASN B 9 24.34 16.83 -19.69
C ASN B 9 23.81 18.24 -19.91
N GLU B 10 22.93 18.41 -20.90
CA GLU B 10 22.50 19.73 -21.34
C GLU B 10 21.52 20.39 -20.37
N PHE B 11 21.36 19.80 -19.19
CA PHE B 11 20.36 20.25 -18.21
C PHE B 11 20.89 20.36 -16.79
N GLU B 12 20.48 21.42 -16.09
CA GLU B 12 20.60 21.51 -14.64
C GLU B 12 19.42 20.76 -14.01
N TYR B 13 19.65 20.14 -12.87
CA TYR B 13 18.59 19.42 -12.14
C TYR B 13 18.40 20.06 -10.77
N LEU B 14 17.22 20.64 -10.55
CA LEU B 14 17.02 21.55 -9.42
C LEU B 14 16.15 21.03 -8.27
N LYS B 15 15.06 20.34 -8.60
CA LYS B 15 14.08 19.97 -7.58
C LYS B 15 13.18 18.82 -8.02
N LEU B 16 12.80 17.96 -7.08
CA LEU B 16 11.86 16.88 -7.36
C LEU B 16 10.43 17.37 -7.22
N LEU B 17 9.61 17.07 -8.22
CA LEU B 17 8.23 17.57 -8.28
C LEU B 17 7.22 16.47 -8.00
N GLY B 18 7.53 15.25 -8.48
CA GLY B 18 6.68 14.09 -8.29
C GLY B 18 7.47 12.80 -8.42
N LYS B 19 6.88 11.69 -7.95
CA LYS B 19 7.51 10.38 -8.04
C LYS B 19 6.46 9.26 -8.19
N GLY B 20 6.15 8.94 -9.45
CA GLY B 20 5.27 7.82 -9.78
C GLY B 20 5.96 6.48 -9.57
N THR B 21 5.17 5.41 -9.60
CA THR B 21 5.68 4.04 -9.42
C THR B 21 6.84 3.74 -10.39
N PHE B 22 6.70 4.13 -11.65
CA PHE B 22 7.68 3.78 -12.69
C PHE B 22 8.78 4.83 -12.92
N GLY B 23 8.82 5.89 -12.12
CA GLY B 23 9.88 6.90 -12.27
C GLY B 23 9.62 8.30 -11.72
N LYS B 24 10.65 9.12 -11.74
CA LYS B 24 10.60 10.47 -11.17
C LYS B 24 10.38 11.59 -12.20
N VAL B 25 9.87 12.73 -11.72
CA VAL B 25 9.76 13.94 -12.53
C VAL B 25 10.48 15.08 -11.82
N ILE B 26 11.50 15.62 -12.48
CA ILE B 26 12.35 16.67 -11.90
C ILE B 26 12.20 17.98 -12.68
N LEU B 27 12.23 19.10 -11.95
CA LEU B 27 12.29 20.42 -12.57
C LEU B 27 13.69 20.64 -13.12
N VAL B 28 13.77 20.94 -14.41
CA VAL B 28 15.06 21.14 -15.07
C VAL B 28 15.17 22.51 -15.71
N LYS B 29 16.41 23.01 -15.77
CA LYS B 29 16.75 24.21 -16.54
C LYS B 29 17.69 23.81 -17.68
N GLU B 30 17.30 24.17 -18.90
CA GLU B 30 18.14 23.97 -20.07
C GLU B 30 19.32 24.94 -20.02
N LYS B 31 20.53 24.37 -19.96
CA LYS B 31 21.77 25.15 -19.79
C LYS B 31 22.02 26.17 -20.89
N ALA B 32 21.84 25.74 -22.14
CA ALA B 32 22.15 26.55 -23.31
C ALA B 32 21.19 27.72 -23.55
N THR B 33 20.01 27.67 -22.93
CA THR B 33 18.96 28.67 -23.18
C THR B 33 18.42 29.30 -21.90
N GLY B 34 18.59 28.61 -20.78
CA GLY B 34 18.18 29.13 -19.47
C GLY B 34 16.68 29.02 -19.24
N ARG B 35 16.00 28.24 -20.09
CA ARG B 35 14.57 28.01 -19.95
C ARG B 35 14.29 26.80 -19.06
N TYR B 36 13.12 26.81 -18.42
CA TYR B 36 12.78 25.78 -17.45
C TYR B 36 11.78 24.76 -17.99
N TYR B 37 12.00 23.50 -17.63
CA TYR B 37 11.15 22.41 -18.07
C TYR B 37 10.86 21.42 -16.95
N ALA B 38 9.96 20.48 -17.23
CA ALA B 38 9.67 19.37 -16.34
C ALA B 38 10.06 18.06 -17.02
N MET B 39 11.01 17.35 -16.44
CA MET B 39 11.55 16.12 -17.05
C MET B 39 11.08 14.88 -16.33
N LYS B 40 10.53 13.92 -17.09
CA LYS B 40 10.21 12.61 -16.56
C LYS B 40 11.37 11.65 -16.82
N ILE B 41 11.99 11.17 -15.74
CA ILE B 41 13.14 10.26 -15.85
C ILE B 41 12.77 8.83 -15.44
N LEU B 42 12.71 7.95 -16.44
CA LEU B 42 12.32 6.56 -16.24
C LEU B 42 13.50 5.61 -16.40
N LYS B 43 13.83 4.90 -15.32
CA LYS B 43 14.87 3.87 -15.37
C LYS B 43 14.39 2.74 -16.28
N LYS B 44 15.16 2.46 -17.33
CA LYS B 44 14.80 1.43 -18.32
C LYS B 44 14.53 0.09 -17.65
N GLU B 45 15.46 -0.36 -16.81
CA GLU B 45 15.31 -1.55 -15.97
C GLU B 45 13.85 -1.80 -15.58
N VAL B 46 13.22 -0.79 -14.98
CA VAL B 46 11.85 -0.88 -14.46
C VAL B 46 10.83 -1.16 -15.56
N ILE B 47 10.83 -0.31 -16.59
CA ILE B 47 9.90 -0.40 -17.72
C ILE B 47 10.00 -1.74 -18.46
N VAL B 48 11.22 -2.23 -18.64
CA VAL B 48 11.47 -3.56 -19.23
C VAL B 48 10.93 -4.65 -18.32
N ALA B 49 11.20 -4.52 -17.02
CA ALA B 49 10.75 -5.49 -16.02
C ALA B 49 9.22 -5.58 -15.94
N LYS B 50 8.58 -4.48 -15.56
CA LYS B 50 7.15 -4.49 -15.25
C LYS B 50 6.23 -4.37 -16.47
N ASP B 51 6.70 -4.85 -17.63
CA ASP B 51 5.90 -4.92 -18.85
C ASP B 51 5.21 -3.58 -19.14
N GLU B 52 6.02 -2.53 -19.25
CA GLU B 52 5.50 -1.16 -19.38
C GLU B 52 5.92 -0.49 -20.68
N VAL B 53 6.56 -1.25 -21.56
CA VAL B 53 7.09 -0.73 -22.82
C VAL B 53 5.98 -0.14 -23.70
N ALA B 54 4.93 -0.91 -23.95
CA ALA B 54 3.80 -0.47 -24.78
C ALA B 54 3.25 0.90 -24.36
N HIS B 55 3.02 1.09 -23.07
CA HIS B 55 2.55 2.35 -22.53
C HIS B 55 3.53 3.49 -22.79
N THR B 56 4.79 3.25 -22.44
CA THR B 56 5.86 4.22 -22.63
C THR B 56 6.00 4.64 -24.10
N LEU B 57 5.98 3.66 -25.01
CA LEU B 57 6.04 3.96 -26.44
C LEU B 57 4.85 4.80 -26.87
N THR B 58 3.66 4.45 -26.35
CA THR B 58 2.41 5.16 -26.65
C THR B 58 2.44 6.58 -26.10
N GLU B 59 2.98 6.72 -24.89
CA GLU B 59 3.09 8.02 -24.24
C GLU B 59 3.90 8.99 -25.11
N ASN B 60 5.02 8.50 -25.65
CA ASN B 60 5.86 9.29 -26.54
C ASN B 60 5.19 9.67 -27.87
N ARG B 61 4.52 8.72 -28.51
CA ARG B 61 3.83 8.99 -29.77
C ARG B 61 2.79 10.09 -29.63
N VAL B 62 2.05 10.06 -28.52
CA VAL B 62 0.95 10.99 -28.28
C VAL B 62 1.46 12.39 -27.97
N LEU B 63 2.49 12.47 -27.11
CA LEU B 63 3.14 13.74 -26.78
C LEU B 63 3.65 14.46 -28.02
N GLN B 64 4.23 13.70 -28.95
CA GLN B 64 4.78 14.25 -30.19
C GLN B 64 3.69 14.73 -31.13
N ASN B 65 2.67 13.89 -31.30
CA ASN B 65 1.68 14.09 -32.35
C ASN B 65 0.46 14.90 -31.91
N SER B 66 0.61 15.69 -30.85
CA SER B 66 -0.49 16.50 -30.32
C SER B 66 -0.10 17.95 -30.04
N ARG B 67 -0.90 18.87 -30.55
CA ARG B 67 -0.73 20.31 -30.28
C ARG B 67 -2.03 20.90 -29.80
N HIS B 68 -2.09 21.22 -28.51
CA HIS B 68 -3.29 21.79 -27.90
C HIS B 68 -2.90 22.64 -26.71
N PRO B 69 -3.53 23.82 -26.56
CA PRO B 69 -3.26 24.73 -25.44
C PRO B 69 -3.33 24.07 -24.06
N PHE B 70 -4.17 23.04 -23.92
CA PHE B 70 -4.40 22.39 -22.63
C PHE B 70 -3.90 20.95 -22.58
N LEU B 71 -2.96 20.64 -23.46
CA LEU B 71 -2.16 19.42 -23.35
C LEU B 71 -0.71 19.84 -23.26
N THR B 72 0.00 19.30 -22.26
CA THR B 72 1.41 19.68 -22.09
C THR B 72 2.23 19.27 -23.32
N ALA B 73 3.03 20.22 -23.81
CA ALA B 73 3.83 20.01 -25.01
C ALA B 73 5.17 19.35 -24.68
N LEU B 74 5.62 18.46 -25.57
CA LEU B 74 6.92 17.83 -25.46
C LEU B 74 7.94 18.68 -26.19
N LYS B 75 9.00 19.07 -25.46
CA LYS B 75 10.13 19.77 -26.07
C LYS B 75 11.10 18.75 -26.64
N TYR B 76 11.64 17.89 -25.78
CA TYR B 76 12.48 16.78 -26.21
C TYR B 76 12.01 15.47 -25.60
N SER B 77 12.23 14.37 -26.33
CA SER B 77 12.32 13.05 -25.74
C SER B 77 13.65 12.43 -26.20
N PHE B 78 14.39 11.86 -25.26
CA PHE B 78 15.69 11.24 -25.55
C PHE B 78 15.97 10.10 -24.57
N GLN B 79 16.88 9.22 -24.96
CA GLN B 79 17.25 8.06 -24.13
C GLN B 79 18.75 7.95 -23.86
N THR B 80 19.11 7.18 -22.85
CA THR B 80 20.49 6.78 -22.58
C THR B 80 20.59 5.26 -22.52
N HIS B 81 21.70 4.74 -21.97
CA HIS B 81 21.85 3.31 -21.79
C HIS B 81 20.93 2.78 -20.67
N ASP B 82 20.70 3.63 -19.67
CA ASP B 82 19.91 3.24 -18.50
C ASP B 82 18.57 3.96 -18.35
N ARG B 83 18.36 5.04 -19.11
CA ARG B 83 17.21 5.92 -18.88
C ARG B 83 16.43 6.32 -20.12
N LEU B 84 15.14 6.59 -19.93
CA LEU B 84 14.28 7.24 -20.92
C LEU B 84 13.83 8.58 -20.36
N CYS B 85 14.00 9.63 -21.15
CA CYS B 85 13.67 10.97 -20.69
C CYS B 85 12.63 11.64 -21.58
N PHE B 86 11.66 12.30 -20.93
CA PHE B 86 10.72 13.21 -21.60
C PHE B 86 10.97 14.61 -21.05
N VAL B 87 11.21 15.57 -21.93
CA VAL B 87 11.36 16.96 -21.52
C VAL B 87 10.12 17.72 -21.93
N MET B 88 9.28 18.04 -20.95
CA MET B 88 7.95 18.61 -21.18
C MET B 88 7.83 20.06 -20.76
N GLU B 89 6.77 20.71 -21.24
CA GLU B 89 6.36 22.04 -20.81
C GLU B 89 6.07 21.99 -19.31
N TYR B 90 6.66 22.93 -18.56
CA TYR B 90 6.57 22.93 -17.11
C TYR B 90 5.32 23.61 -16.59
N ALA B 91 4.50 22.87 -15.87
CA ALA B 91 3.27 23.39 -15.27
C ALA B 91 3.52 23.93 -13.85
N ASN B 92 3.84 25.22 -13.77
CA ASN B 92 4.16 25.92 -12.52
C ASN B 92 3.09 25.79 -11.47
N GLY B 93 1.83 25.78 -11.90
CA GLY B 93 0.68 25.95 -11.01
C GLY B 93 0.31 24.79 -10.13
N GLY B 94 1.09 23.70 -10.20
CA GLY B 94 0.79 22.49 -9.44
C GLY B 94 -0.40 21.71 -9.98
N GLU B 95 -0.71 20.60 -9.31
CA GLU B 95 -1.84 19.76 -9.69
C GLU B 95 -3.13 20.38 -9.18
N LEU B 96 -4.24 20.10 -9.85
CA LEU B 96 -5.56 20.42 -9.33
C LEU B 96 -5.80 19.72 -7.98
N PHE B 97 -5.24 18.53 -7.84
CA PHE B 97 -5.31 17.80 -6.57
C PHE B 97 -4.71 18.63 -5.42
N PHE B 98 -3.61 19.32 -5.70
CA PHE B 98 -2.97 20.15 -4.69
C PHE B 98 -3.95 21.19 -4.14
N HIS B 99 -4.47 22.04 -5.02
CA HIS B 99 -5.34 23.14 -4.62
C HIS B 99 -6.65 22.71 -3.98
N LEU B 100 -7.24 21.66 -4.54
CA LEU B 100 -8.54 21.18 -4.08
C LEU B 100 -8.46 20.63 -2.66
N SER B 101 -7.38 19.95 -2.33
CA SER B 101 -7.17 19.43 -0.98
C SER B 101 -7.17 20.56 0.04
N ARG B 102 -6.56 21.68 -0.33
CA ARG B 102 -6.51 22.85 0.52
C ARG B 102 -7.83 23.60 0.64
N GLU B 103 -8.63 23.62 -0.42
CA GLU B 103 -9.86 24.41 -0.42
C GLU B 103 -11.15 23.61 -0.25
N ARG B 104 -11.02 22.30 -0.05
CA ARG B 104 -12.12 21.31 -0.04
C ARG B 104 -12.98 21.27 -1.30
N VAL B 105 -13.41 22.44 -1.78
CA VAL B 105 -14.39 22.54 -2.86
C VAL B 105 -14.05 23.73 -3.76
N PHE B 106 -14.33 23.62 -5.05
CA PHE B 106 -14.29 24.77 -5.94
C PHE B 106 -15.70 25.29 -6.15
N SER B 107 -15.82 26.56 -6.50
CA SER B 107 -17.10 27.13 -6.91
C SER B 107 -17.54 26.46 -8.20
N GLU B 108 -18.81 26.59 -8.56
CA GLU B 108 -19.29 26.09 -9.84
C GLU B 108 -18.64 26.82 -11.00
N ASP B 109 -18.42 28.13 -10.85
CA ASP B 109 -17.74 28.95 -11.87
C ASP B 109 -16.30 28.48 -12.14
N ARG B 110 -15.60 28.11 -11.07
CA ARG B 110 -14.25 27.59 -11.19
C ARG B 110 -14.25 26.18 -11.76
N ALA B 111 -15.22 25.37 -11.34
CA ALA B 111 -15.37 24.02 -11.87
C ALA B 111 -15.66 24.05 -13.37
N ARG B 112 -16.59 24.91 -13.76
CA ARG B 112 -16.97 25.11 -15.18
C ARG B 112 -15.79 25.56 -16.04
N PHE B 113 -14.91 26.38 -15.48
CA PHE B 113 -13.74 26.84 -16.22
C PHE B 113 -12.78 25.69 -16.51
N TYR B 114 -12.53 24.85 -15.52
CA TYR B 114 -11.66 23.70 -15.74
C TYR B 114 -12.32 22.64 -16.62
N GLY B 115 -13.60 22.35 -16.33
CA GLY B 115 -14.40 21.43 -17.13
C GLY B 115 -14.34 21.74 -18.61
N ALA B 116 -14.55 23.02 -18.95
CA ALA B 116 -14.51 23.48 -20.34
C ALA B 116 -13.14 23.26 -21.00
N GLU B 117 -12.07 23.56 -20.25
CA GLU B 117 -10.72 23.43 -20.80
C GLU B 117 -10.36 21.96 -21.02
N ILE B 118 -10.73 21.13 -20.04
CA ILE B 118 -10.58 19.66 -20.13
C ILE B 118 -11.42 19.11 -21.29
N VAL B 119 -12.65 19.58 -21.44
CA VAL B 119 -13.52 19.11 -22.51
C VAL B 119 -12.92 19.42 -23.88
N SER B 120 -12.52 20.67 -24.10
CA SER B 120 -11.90 21.09 -25.34
C SER B 120 -10.77 20.16 -25.76
N ALA B 121 -9.92 19.79 -24.81
CA ALA B 121 -8.77 18.92 -25.09
C ALA B 121 -9.18 17.48 -25.41
N LEU B 122 -10.13 16.94 -24.63
CA LEU B 122 -10.59 15.57 -24.85
C LEU B 122 -11.35 15.47 -26.16
N ASP B 123 -12.06 16.54 -26.50
CA ASP B 123 -12.69 16.66 -27.81
C ASP B 123 -11.65 16.58 -28.93
N TYR B 124 -10.52 17.24 -28.71
CA TYR B 124 -9.42 17.25 -29.65
C TYR B 124 -8.81 15.85 -29.82
N LEU B 125 -8.65 15.14 -28.70
CA LEU B 125 -8.03 13.81 -28.75
C LEU B 125 -8.95 12.81 -29.43
N HIS B 126 -10.25 13.00 -29.25
CA HIS B 126 -11.24 12.12 -29.86
C HIS B 126 -11.41 12.38 -31.35
N SER B 127 -11.85 13.59 -31.70
CA SER B 127 -12.21 13.94 -33.06
C SER B 127 -11.04 14.06 -34.03
N GLU B 128 -9.91 14.55 -33.54
CA GLU B 128 -8.79 14.92 -34.41
C GLU B 128 -7.62 13.95 -34.38
N LYS B 129 -7.34 13.39 -33.21
CA LYS B 129 -6.21 12.48 -33.09
C LYS B 129 -6.59 11.00 -32.84
N ASN B 130 -7.90 10.71 -32.89
CA ASN B 130 -8.45 9.36 -32.63
C ASN B 130 -7.87 8.65 -31.40
N VAL B 131 -7.64 9.40 -30.33
CA VAL B 131 -7.04 8.90 -29.09
C VAL B 131 -8.10 8.90 -27.97
N VAL B 132 -8.05 7.88 -27.12
CA VAL B 132 -8.84 7.88 -25.89
C VAL B 132 -7.87 7.97 -24.71
N TYR B 133 -8.07 8.97 -23.87
CA TYR B 133 -7.14 9.27 -22.79
C TYR B 133 -7.05 8.17 -21.73
N ARG B 134 -8.23 7.70 -21.29
CA ARG B 134 -8.41 6.56 -20.37
C ARG B 134 -8.06 6.78 -18.90
N ASP B 135 -7.14 7.71 -18.62
CA ASP B 135 -6.67 7.90 -17.25
C ASP B 135 -6.98 9.30 -16.67
N LEU B 136 -8.18 9.81 -16.94
CA LEU B 136 -8.53 11.12 -16.41
C LEU B 136 -8.73 11.06 -14.90
N LYS B 137 -7.99 11.92 -14.21
CA LYS B 137 -8.03 12.03 -12.75
C LYS B 137 -7.36 13.31 -12.27
N LEU B 138 -7.76 13.74 -11.08
CA LEU B 138 -7.22 14.94 -10.42
C LEU B 138 -5.68 15.06 -10.48
N GLU B 139 -5.00 13.93 -10.34
CA GLU B 139 -3.55 13.90 -10.34
C GLU B 139 -2.94 14.22 -11.71
N ASN B 140 -3.68 13.94 -12.78
CA ASN B 140 -3.19 14.18 -14.13
C ASN B 140 -3.48 15.60 -14.67
N LEU B 141 -4.21 16.39 -13.88
CA LEU B 141 -4.68 17.70 -14.31
C LEU B 141 -3.94 18.82 -13.59
N MET B 142 -3.14 19.57 -14.33
CA MET B 142 -2.30 20.59 -13.73
C MET B 142 -2.62 21.99 -14.25
N LEU B 143 -1.96 22.99 -13.67
CA LEU B 143 -2.13 24.36 -14.10
C LEU B 143 -0.79 24.96 -14.53
N ASP B 144 -0.82 25.74 -15.60
CA ASP B 144 0.35 26.52 -16.00
C ASP B 144 0.37 27.84 -15.22
N LYS B 145 1.46 28.60 -15.38
CA LYS B 145 1.69 29.86 -14.65
C LYS B 145 0.49 30.79 -14.63
N ASP B 146 -0.38 30.67 -15.64
CA ASP B 146 -1.54 31.54 -15.81
C ASP B 146 -2.83 30.96 -15.24
N GLY B 147 -2.79 29.74 -14.74
CA GLY B 147 -3.98 29.10 -14.19
C GLY B 147 -4.81 28.35 -15.22
N HIS B 148 -4.23 28.13 -16.39
CA HIS B 148 -4.88 27.36 -17.46
C HIS B 148 -4.56 25.87 -17.33
N ILE B 149 -5.54 25.04 -17.66
CA ILE B 149 -5.44 23.60 -17.53
C ILE B 149 -4.34 23.05 -18.41
N LYS B 150 -3.59 22.11 -17.85
CA LYS B 150 -2.60 21.34 -18.59
C LYS B 150 -2.79 19.88 -18.24
N ILE B 151 -3.19 19.08 -19.22
CA ILE B 151 -3.32 17.65 -19.03
C ILE B 151 -1.95 17.01 -19.23
N THR B 152 -1.48 16.35 -18.19
CA THR B 152 -0.22 15.61 -18.28
C THR B 152 -0.44 14.10 -18.18
N ASP B 153 0.63 13.32 -18.34
CA ASP B 153 0.61 11.84 -18.38
C ASP B 153 -0.24 11.31 -19.51
N PHE B 154 0.37 10.60 -20.45
CA PHE B 154 -0.38 9.97 -21.54
C PHE B 154 -0.05 8.47 -21.66
N GLY B 155 0.53 7.92 -20.59
CA GLY B 155 0.95 6.52 -20.52
C GLY B 155 -0.13 5.50 -20.85
N LEU B 156 -1.37 5.77 -20.43
CA LEU B 156 -2.48 4.86 -20.68
C LEU B 156 -3.42 5.25 -21.84
N CYS B 157 -2.92 6.08 -22.75
CA CYS B 157 -3.70 6.45 -23.94
C CYS B 157 -3.90 5.29 -24.90
N LYS B 158 -5.05 5.26 -25.56
CA LYS B 158 -5.31 4.31 -26.63
C LYS B 158 -5.42 5.04 -27.95
N GLU B 159 -4.75 4.51 -28.96
CA GLU B 159 -4.69 5.16 -30.28
C GLU B 159 -5.55 4.44 -31.32
N GLY B 160 -5.85 5.15 -32.41
CA GLY B 160 -6.56 4.58 -33.54
C GLY B 160 -7.99 4.19 -33.25
N ILE B 161 -8.59 4.84 -32.25
CA ILE B 161 -10.00 4.59 -31.90
C ILE B 161 -10.96 5.54 -32.62
N LYS B 162 -11.68 5.00 -33.60
CA LYS B 162 -12.62 5.78 -34.42
C LYS B 162 -14.08 5.43 -34.12
N ASP B 163 -14.99 6.09 -34.84
CA ASP B 163 -16.44 5.78 -34.81
C ASP B 163 -16.86 5.31 -33.41
N GLY B 164 -17.16 4.01 -33.32
CA GLY B 164 -17.41 3.35 -32.04
C GLY B 164 -16.49 2.15 -31.85
N ALA B 165 -15.19 2.36 -32.03
CA ALA B 165 -14.20 1.31 -31.79
C ALA B 165 -14.13 0.95 -30.31
N THR B 166 -13.86 -0.32 -30.02
CA THR B 166 -13.86 -0.79 -28.64
C THR B 166 -12.48 -1.23 -28.17
N MET B 167 -12.32 -1.30 -26.85
CA MET B 167 -11.08 -1.67 -26.20
C MET B 167 -11.37 -2.73 -25.16
N LYS B 168 -10.35 -3.50 -24.79
CA LYS B 168 -10.52 -4.63 -23.86
C LYS B 168 -9.73 -4.42 -22.59
N TPO B 169 -8.60 -3.72 -22.69
CA TPO B 169 -7.64 -3.59 -21.60
CB TPO B 169 -6.40 -2.86 -22.11
CG2 TPO B 169 -5.21 -2.94 -21.16
OG1 TPO B 169 -6.01 -3.50 -23.31
P TPO B 169 -5.96 -2.73 -24.73
O1P TPO B 169 -5.17 -1.49 -24.41
O2P TPO B 169 -7.42 -2.49 -25.09
O3P TPO B 169 -5.28 -3.72 -25.65
C TPO B 169 -8.20 -2.99 -20.34
O TPO B 169 -8.86 -1.96 -20.38
N PHE B 170 -7.93 -3.66 -19.22
CA PHE B 170 -8.31 -3.22 -17.88
C PHE B 170 -7.22 -2.32 -17.27
N CYS B 171 -7.44 -1.01 -17.33
CA CYS B 171 -6.47 -0.03 -16.86
C CYS B 171 -7.13 1.30 -16.49
N GLY B 172 -6.38 2.11 -15.77
CA GLY B 172 -6.86 3.39 -15.28
C GLY B 172 -6.39 3.54 -13.84
N THR B 173 -7.12 4.34 -13.06
CA THR B 173 -6.97 4.40 -11.62
C THR B 173 -8.28 3.90 -11.03
N PRO B 174 -8.21 2.93 -10.09
CA PRO B 174 -9.40 2.24 -9.58
C PRO B 174 -10.56 3.18 -9.24
N GLU B 175 -10.27 4.26 -8.52
CA GLU B 175 -11.31 5.17 -8.04
C GLU B 175 -12.06 5.85 -9.17
N TYR B 176 -11.43 5.92 -10.33
CA TYR B 176 -11.95 6.67 -11.47
C TYR B 176 -12.50 5.78 -12.58
N LEU B 177 -12.40 4.46 -12.37
CA LEU B 177 -12.78 3.48 -13.38
C LEU B 177 -14.26 3.51 -13.72
N ALA B 178 -14.56 3.60 -15.02
CA ALA B 178 -15.92 3.58 -15.51
C ALA B 178 -16.49 2.17 -15.33
N PRO B 179 -17.80 2.08 -15.09
CA PRO B 179 -18.52 0.83 -14.96
C PRO B 179 -18.20 -0.18 -16.05
N GLU B 180 -18.28 0.23 -17.31
CA GLU B 180 -18.07 -0.67 -18.45
C GLU B 180 -16.69 -1.33 -18.47
N VAL B 181 -15.69 -0.63 -17.95
CA VAL B 181 -14.34 -1.19 -17.81
C VAL B 181 -14.36 -2.28 -16.74
N LEU B 182 -15.12 -2.04 -15.66
CA LEU B 182 -15.31 -3.03 -14.59
C LEU B 182 -16.18 -4.22 -15.04
N GLU B 183 -17.17 -3.94 -15.89
CA GLU B 183 -18.02 -4.99 -16.45
C GLU B 183 -17.19 -5.95 -17.30
N ASP B 184 -16.07 -5.46 -17.82
CA ASP B 184 -15.12 -6.23 -18.62
C ASP B 184 -15.76 -6.83 -19.88
N ASN B 185 -16.66 -6.08 -20.49
CA ASN B 185 -17.33 -6.53 -21.72
C ASN B 185 -17.18 -5.55 -22.90
N ASP B 186 -15.99 -4.97 -23.04
CA ASP B 186 -15.67 -3.96 -24.07
C ASP B 186 -16.15 -2.56 -23.73
N TYR B 187 -15.28 -1.57 -23.92
CA TYR B 187 -15.63 -0.19 -23.62
C TYR B 187 -15.19 0.77 -24.72
N GLY B 188 -15.71 1.99 -24.71
CA GLY B 188 -15.40 2.96 -25.75
C GLY B 188 -14.84 4.29 -25.28
N ARG B 189 -14.79 5.25 -26.20
CA ARG B 189 -14.29 6.58 -25.91
C ARG B 189 -15.07 7.29 -24.82
N ALA B 190 -16.28 6.81 -24.51
CA ALA B 190 -17.10 7.40 -23.44
C ALA B 190 -16.51 7.25 -22.03
N VAL B 191 -15.55 6.35 -21.84
CA VAL B 191 -14.88 6.23 -20.54
C VAL B 191 -14.29 7.57 -20.09
N ASP B 192 -13.92 8.39 -21.07
CA ASP B 192 -13.36 9.69 -20.79
C ASP B 192 -14.39 10.63 -20.19
N TRP B 193 -15.63 10.51 -20.64
CA TRP B 193 -16.70 11.35 -20.11
C TRP B 193 -17.14 10.89 -18.73
N TRP B 194 -16.99 9.61 -18.45
CA TRP B 194 -17.11 9.14 -17.08
C TRP B 194 -16.09 9.85 -16.16
N GLY B 195 -14.81 9.79 -16.54
CA GLY B 195 -13.74 10.51 -15.86
C GLY B 195 -14.02 11.98 -15.68
N LEU B 196 -14.42 12.65 -16.77
CA LEU B 196 -14.83 14.05 -16.69
C LEU B 196 -15.83 14.20 -15.57
N GLY B 197 -16.80 13.29 -15.54
CA GLY B 197 -17.79 13.26 -14.49
C GLY B 197 -17.19 13.12 -13.11
N VAL B 198 -16.24 12.21 -12.95
CA VAL B 198 -15.67 12.01 -11.61
C VAL B 198 -14.91 13.25 -11.14
N VAL B 199 -13.93 13.72 -11.90
CA VAL B 199 -13.11 14.84 -11.45
C VAL B 199 -13.93 16.12 -11.25
N MET B 200 -14.98 16.30 -12.04
CA MET B 200 -15.86 17.44 -11.85
C MET B 200 -16.78 17.26 -10.65
N TYR B 201 -17.07 16.01 -10.30
CA TYR B 201 -17.82 15.73 -9.08
C TYR B 201 -16.94 16.08 -7.88
N GLU B 202 -15.67 15.66 -7.97
CA GLU B 202 -14.65 16.04 -7.00
C GLU B 202 -14.53 17.55 -6.84
N MET B 203 -14.51 18.27 -7.96
CA MET B 203 -14.31 19.71 -7.91
C MET B 203 -15.44 20.46 -7.22
N MET B 204 -16.67 19.97 -7.39
CA MET B 204 -17.84 20.69 -6.87
C MET B 204 -18.37 20.13 -5.56
N CYS B 205 -18.08 18.86 -5.28
CA CYS B 205 -18.54 18.22 -4.04
C CYS B 205 -17.43 18.01 -3.00
N GLY B 206 -16.18 17.95 -3.45
CA GLY B 206 -15.04 17.87 -2.55
C GLY B 206 -14.68 16.46 -2.12
N ARG B 207 -15.25 15.48 -2.82
CA ARG B 207 -15.00 14.06 -2.58
C ARG B 207 -15.30 13.26 -3.83
N LEU B 208 -14.82 12.01 -3.87
CA LEU B 208 -15.14 11.11 -4.96
C LEU B 208 -16.60 10.68 -4.83
N PRO B 209 -17.26 10.42 -5.96
CA PRO B 209 -18.67 10.04 -5.93
C PRO B 209 -18.86 8.62 -5.40
N PHE B 210 -17.83 7.79 -5.55
CA PHE B 210 -17.79 6.46 -4.98
C PHE B 210 -16.45 6.34 -4.25
N TYR B 211 -16.48 5.88 -3.00
CA TYR B 211 -15.23 5.62 -2.28
C TYR B 211 -15.25 4.46 -1.29
N ASN B 212 -14.12 3.75 -1.26
CA ASN B 212 -13.77 2.79 -0.22
C ASN B 212 -12.27 2.51 -0.26
N GLN B 213 -11.67 2.29 0.91
CA GLN B 213 -10.24 1.93 1.02
C GLN B 213 -9.90 0.65 0.25
N ASP B 214 -10.81 -0.31 0.27
CA ASP B 214 -10.61 -1.62 -0.34
C ASP B 214 -11.07 -1.60 -1.80
N HIS B 215 -10.11 -1.78 -2.72
CA HIS B 215 -10.38 -1.69 -4.16
C HIS B 215 -11.53 -2.57 -4.62
N GLU B 216 -11.71 -3.71 -3.96
CA GLU B 216 -12.79 -4.64 -4.30
C GLU B 216 -14.16 -4.07 -3.95
N LYS B 217 -14.30 -3.53 -2.75
CA LYS B 217 -15.56 -2.97 -2.28
C LYS B 217 -15.90 -1.67 -3.02
N LEU B 218 -14.86 -1.01 -3.53
CA LEU B 218 -14.99 0.20 -4.33
C LEU B 218 -15.63 -0.08 -5.70
N PHE B 219 -15.24 -1.21 -6.30
CA PHE B 219 -15.78 -1.63 -7.61
C PHE B 219 -17.26 -2.04 -7.53
N GLU B 220 -17.65 -2.60 -6.39
CA GLU B 220 -19.06 -2.85 -6.10
C GLU B 220 -19.86 -1.55 -6.14
N LEU B 221 -19.32 -0.53 -5.47
CA LEU B 221 -19.97 0.76 -5.40
C LEU B 221 -20.14 1.39 -6.79
N ILE B 222 -19.11 1.28 -7.63
CA ILE B 222 -19.17 1.87 -8.98
C ILE B 222 -20.27 1.21 -9.82
N LEU B 223 -20.44 -0.09 -9.68
CA LEU B 223 -21.47 -0.83 -10.45
C LEU B 223 -22.87 -0.84 -9.81
N MET B 224 -22.94 -0.87 -8.48
CA MET B 224 -24.22 -1.00 -7.75
C MET B 224 -24.91 0.31 -7.40
N GLU B 225 -24.25 1.11 -6.56
CA GLU B 225 -24.80 2.31 -5.95
C GLU B 225 -25.21 3.39 -6.94
N GLU B 226 -26.40 3.95 -6.76
CA GLU B 226 -26.83 5.14 -7.51
C GLU B 226 -26.05 6.36 -7.01
N ILE B 227 -25.81 7.31 -7.91
CA ILE B 227 -25.01 8.51 -7.64
C ILE B 227 -25.66 9.44 -6.60
N ARG B 228 -24.81 10.12 -5.83
CA ARG B 228 -25.26 10.91 -4.70
C ARG B 228 -24.88 12.37 -4.85
N PHE B 229 -25.85 13.27 -4.70
CA PHE B 229 -25.60 14.70 -4.93
C PHE B 229 -25.81 15.58 -3.71
N PRO B 230 -24.75 16.27 -3.26
CA PRO B 230 -24.87 17.31 -2.23
C PRO B 230 -25.92 18.35 -2.62
N ARG B 231 -26.71 18.80 -1.64
CA ARG B 231 -27.81 19.72 -1.90
C ARG B 231 -27.36 21.17 -2.10
N THR B 232 -26.04 21.37 -2.11
CA THR B 232 -25.45 22.67 -2.40
C THR B 232 -25.41 22.93 -3.90
N LEU B 233 -25.55 21.86 -4.67
CA LEU B 233 -25.40 21.91 -6.12
C LEU B 233 -26.60 22.50 -6.82
N GLY B 234 -26.33 23.38 -7.78
CA GLY B 234 -27.37 23.94 -8.62
C GLY B 234 -28.00 22.87 -9.47
N PRO B 235 -29.10 23.19 -10.16
CA PRO B 235 -29.80 22.20 -10.99
C PRO B 235 -29.04 21.79 -12.24
N GLU B 236 -28.36 22.76 -12.86
CA GLU B 236 -27.52 22.56 -14.05
C GLU B 236 -26.36 21.65 -13.71
N ALA B 237 -25.67 21.99 -12.63
CA ALA B 237 -24.58 21.21 -12.08
C ALA B 237 -25.00 19.76 -11.77
N LYS B 238 -26.12 19.61 -11.08
CA LYS B 238 -26.66 18.29 -10.75
C LYS B 238 -26.94 17.47 -12.01
N SER B 239 -27.48 18.13 -13.03
CA SER B 239 -27.82 17.46 -14.29
C SER B 239 -26.60 17.02 -15.10
N LEU B 240 -25.59 17.88 -15.20
CA LEU B 240 -24.35 17.52 -15.87
C LEU B 240 -23.75 16.28 -15.22
N LEU B 241 -23.56 16.31 -13.90
CA LEU B 241 -23.04 15.16 -13.18
C LEU B 241 -23.88 13.90 -13.42
N SER B 242 -25.20 14.01 -13.31
CA SER B 242 -26.13 12.90 -13.62
C SER B 242 -25.83 12.27 -14.95
N GLY B 243 -25.81 13.11 -15.99
CA GLY B 243 -25.54 12.66 -17.35
C GLY B 243 -24.18 12.03 -17.50
N LEU B 244 -23.15 12.73 -17.04
CA LEU B 244 -21.78 12.23 -17.13
C LEU B 244 -21.54 10.93 -16.37
N LEU B 245 -22.31 10.70 -15.31
CA LEU B 245 -22.10 9.53 -14.46
C LEU B 245 -23.12 8.38 -14.63
N LYS B 246 -23.86 8.38 -15.73
CA LYS B 246 -24.66 7.21 -16.09
C LYS B 246 -23.73 5.99 -16.23
N LYS B 247 -24.12 4.88 -15.60
CA LYS B 247 -23.30 3.67 -15.59
C LYS B 247 -23.26 2.99 -16.96
N ASP B 248 -24.32 3.22 -17.74
CA ASP B 248 -24.42 2.69 -19.09
C ASP B 248 -23.95 3.76 -20.08
N PRO B 249 -22.83 3.51 -20.78
CA PRO B 249 -22.22 4.50 -21.68
C PRO B 249 -23.16 5.00 -22.78
N LYS B 250 -24.12 4.16 -23.17
CA LYS B 250 -25.10 4.53 -24.19
C LYS B 250 -26.19 5.48 -23.66
N GLN B 251 -26.26 5.64 -22.34
CA GLN B 251 -27.14 6.63 -21.72
C GLN B 251 -26.35 7.90 -21.33
N ARG B 252 -25.03 7.79 -21.36
CA ARG B 252 -24.12 8.83 -20.85
C ARG B 252 -23.96 10.02 -21.78
N LEU B 253 -23.90 11.20 -21.16
CA LEU B 253 -23.55 12.44 -21.82
C LEU B 253 -22.20 12.27 -22.53
N GLY B 254 -22.21 12.44 -23.85
CA GLY B 254 -21.01 12.28 -24.67
C GLY B 254 -20.81 10.85 -25.13
N GLY B 255 -21.73 9.97 -24.71
CA GLY B 255 -21.60 8.55 -24.98
C GLY B 255 -22.05 8.08 -26.35
N GLY B 256 -22.87 8.89 -27.01
CA GLY B 256 -23.34 8.61 -28.37
C GLY B 256 -22.48 9.23 -29.46
N SER B 257 -23.02 9.30 -30.68
CA SER B 257 -22.24 9.67 -31.87
C SER B 257 -21.78 11.14 -31.95
N GLU B 258 -22.45 12.01 -31.21
CA GLU B 258 -22.11 13.43 -31.16
C GLU B 258 -20.85 13.69 -30.32
N ASP B 259 -20.49 12.71 -29.48
CA ASP B 259 -19.32 12.81 -28.58
C ASP B 259 -19.33 14.11 -27.75
N ALA B 260 -18.19 14.80 -27.70
CA ALA B 260 -18.02 16.01 -26.89
C ALA B 260 -19.15 17.04 -27.05
N LYS B 261 -19.70 17.13 -28.26
CA LYS B 261 -20.72 18.12 -28.58
C LYS B 261 -21.98 18.01 -27.71
N GLU B 262 -22.27 16.79 -27.26
CA GLU B 262 -23.40 16.58 -26.35
C GLU B 262 -23.15 17.28 -24.99
N ILE B 263 -21.90 17.26 -24.54
CA ILE B 263 -21.46 17.92 -23.31
C ILE B 263 -21.33 19.43 -23.50
N MET B 264 -20.75 19.83 -24.62
CA MET B 264 -20.54 21.25 -24.93
C MET B 264 -21.86 22.02 -24.96
N GLN B 265 -22.91 21.34 -25.42
CA GLN B 265 -24.24 21.92 -25.55
C GLN B 265 -25.13 21.75 -24.32
N HIS B 266 -24.58 21.20 -23.24
CA HIS B 266 -25.33 21.04 -22.00
C HIS B 266 -25.50 22.41 -21.35
N ARG B 267 -26.70 22.62 -20.83
CA ARG B 267 -27.14 23.90 -20.25
C ARG B 267 -26.21 24.43 -19.14
N PHE B 268 -25.43 23.54 -18.53
CA PHE B 268 -24.41 23.91 -17.55
C PHE B 268 -23.29 24.71 -18.20
N PHE B 269 -23.03 24.42 -19.48
CA PHE B 269 -22.05 25.19 -20.24
C PHE B 269 -22.69 26.28 -21.10
N ALA B 270 -23.94 26.64 -20.80
CA ALA B 270 -24.58 27.76 -21.50
C ALA B 270 -23.76 29.02 -21.27
N GLY B 271 -23.65 29.85 -22.31
CA GLY B 271 -22.85 31.08 -22.24
C GLY B 271 -21.39 30.88 -22.62
N ILE B 272 -20.90 29.65 -22.47
CA ILE B 272 -19.53 29.34 -22.83
C ILE B 272 -19.36 29.40 -24.35
N VAL B 273 -18.40 30.20 -24.81
CA VAL B 273 -18.05 30.25 -26.23
C VAL B 273 -16.83 29.38 -26.44
N TRP B 274 -17.06 28.19 -26.96
CA TRP B 274 -16.03 27.16 -27.01
C TRP B 274 -14.76 27.54 -27.77
N GLN B 275 -14.87 28.45 -28.74
CA GLN B 275 -13.72 28.92 -29.50
C GLN B 275 -12.78 29.73 -28.59
N HIS B 276 -13.39 30.53 -27.72
CA HIS B 276 -12.67 31.39 -26.79
C HIS B 276 -11.96 30.60 -25.72
N VAL B 277 -12.63 29.55 -25.24
CA VAL B 277 -12.03 28.56 -24.36
C VAL B 277 -10.70 28.16 -24.97
N TYR B 278 -10.75 27.67 -26.20
CA TYR B 278 -9.58 27.17 -26.91
C TYR B 278 -8.54 28.28 -27.08
N GLU B 279 -9.00 29.49 -27.37
CA GLU B 279 -8.13 30.64 -27.61
C GLU B 279 -7.70 31.33 -26.32
N LYS B 280 -8.07 30.73 -25.18
CA LYS B 280 -7.66 31.20 -23.85
C LYS B 280 -8.09 32.65 -23.54
N LYS B 281 -9.23 33.07 -24.10
CA LYS B 281 -9.75 34.41 -23.90
C LYS B 281 -10.48 34.55 -22.57
N LEU B 282 -10.89 33.41 -22.00
CA LEU B 282 -11.57 33.38 -20.70
C LEU B 282 -10.58 33.66 -19.57
N SER B 283 -11.00 34.44 -18.58
CA SER B 283 -10.16 34.75 -17.42
C SER B 283 -10.12 33.59 -16.43
N PRO B 284 -8.92 33.05 -16.18
CA PRO B 284 -8.78 32.00 -15.17
C PRO B 284 -9.24 32.53 -13.82
N PRO B 285 -10.08 31.76 -13.11
CA PRO B 285 -10.62 32.17 -11.81
C PRO B 285 -9.56 32.14 -10.71
N PHE B 286 -8.41 31.52 -10.98
CA PHE B 286 -7.30 31.53 -10.04
C PHE B 286 -5.95 31.72 -10.73
N LYS B 287 -5.23 32.76 -10.30
CA LYS B 287 -3.87 33.06 -10.75
C LYS B 287 -2.85 32.43 -9.81
N PRO B 288 -1.99 31.54 -10.35
CA PRO B 288 -0.92 30.94 -9.58
C PRO B 288 0.10 32.00 -9.18
N GLN B 289 0.29 32.14 -7.87
CA GLN B 289 1.16 33.17 -7.31
C GLN B 289 2.58 32.63 -7.16
N VAL B 290 3.37 32.76 -8.22
CA VAL B 290 4.73 32.26 -8.25
C VAL B 290 5.76 33.41 -8.20
N THR B 291 6.60 33.41 -7.16
CA THR B 291 7.64 34.43 -7.02
C THR B 291 8.66 34.38 -8.16
N SER B 292 9.24 33.21 -8.40
CA SER B 292 10.17 33.02 -9.53
C SER B 292 9.76 31.81 -10.40
N GLU B 293 10.71 31.26 -11.15
CA GLU B 293 10.48 30.08 -11.99
C GLU B 293 10.62 28.79 -11.19
N THR B 294 11.27 28.90 -10.04
CA THR B 294 11.56 27.76 -9.16
C THR B 294 10.71 27.79 -7.89
N ASP B 295 9.75 28.70 -7.83
CA ASP B 295 8.83 28.76 -6.70
C ASP B 295 7.85 27.61 -6.84
N THR B 296 8.15 26.50 -6.16
CA THR B 296 7.34 25.28 -6.26
C THR B 296 6.35 25.10 -5.11
N ARG B 297 5.84 26.23 -4.59
CA ARG B 297 4.90 26.22 -3.47
C ARG B 297 3.67 25.35 -3.71
N TYR B 298 3.35 25.15 -4.99
CA TYR B 298 2.18 24.38 -5.40
C TYR B 298 2.51 22.90 -5.69
N PHE B 299 3.59 22.42 -5.10
CA PHE B 299 3.93 20.99 -5.15
C PHE B 299 4.21 20.52 -3.72
N ASP B 300 3.71 19.33 -3.38
CA ASP B 300 3.86 18.76 -2.04
C ASP B 300 5.31 18.79 -1.54
N GLU B 301 5.49 19.28 -0.32
CA GLU B 301 6.81 19.45 0.30
C GLU B 301 7.55 18.13 0.50
N GLU B 302 6.81 17.03 0.49
CA GLU B 302 7.40 15.69 0.52
C GLU B 302 8.44 15.48 -0.58
N PHE B 303 8.14 15.96 -1.78
CA PHE B 303 9.03 15.80 -2.93
C PHE B 303 10.04 16.95 -3.07
N THR B 304 9.59 18.18 -2.81
CA THR B 304 10.41 19.38 -3.06
C THR B 304 11.58 19.56 -2.09
N ALA B 305 11.46 18.95 -0.90
CA ALA B 305 12.44 19.12 0.17
C ALA B 305 13.63 18.16 0.09
N GLN B 306 13.47 17.08 -0.70
CA GLN B 306 14.49 16.03 -0.83
C GLN B 306 15.79 16.52 -1.48
N MET B 307 16.83 15.69 -1.38
CA MET B 307 18.11 15.96 -2.05
C MET B 307 18.33 14.99 -3.22
N ILE B 308 18.54 15.55 -4.40
CA ILE B 308 18.75 14.75 -5.62
C ILE B 308 20.16 14.17 -5.70
N SER B 324 21.35 -5.04 -23.50
CA SER B 324 21.11 -6.28 -24.23
C SER B 324 19.67 -6.77 -24.07
N GLU B 325 19.21 -6.89 -22.81
CA GLU B 325 17.83 -7.26 -22.51
C GLU B 325 17.16 -6.29 -21.52
N ARG B 326 17.77 -6.09 -20.37
CA ARG B 326 17.23 -5.19 -19.33
C ARG B 326 17.48 -3.72 -19.63
N ARG B 327 18.36 -3.47 -20.61
CA ARG B 327 18.65 -2.12 -21.08
C ARG B 327 18.67 -2.08 -22.62
N PRO B 328 17.50 -2.24 -23.28
CA PRO B 328 17.48 -2.24 -24.74
C PRO B 328 17.32 -0.85 -25.33
N HIS B 329 17.87 -0.64 -26.53
CA HIS B 329 17.67 0.60 -27.26
C HIS B 329 16.29 0.58 -27.91
N PHE B 330 15.46 1.55 -27.55
CA PHE B 330 14.14 1.70 -28.15
C PHE B 330 14.23 2.46 -29.47
N PRO B 331 14.02 1.76 -30.61
CA PRO B 331 14.18 2.38 -31.93
C PRO B 331 13.32 3.62 -32.11
N GLN B 332 13.93 4.67 -32.65
CA GLN B 332 13.23 5.90 -33.04
C GLN B 332 12.43 6.53 -31.89
N PHE B 333 13.01 6.52 -30.69
CA PHE B 333 12.39 7.14 -29.52
C PHE B 333 12.70 8.64 -29.49
N ASP B 334 13.98 8.97 -29.70
CA ASP B 334 14.49 10.34 -29.65
C ASP B 334 13.73 11.29 -30.57
N TYR B 335 13.46 12.49 -30.05
CA TYR B 335 12.62 13.49 -30.73
C TYR B 335 13.01 14.91 -30.32
N SER B 336 12.82 15.86 -31.23
CA SER B 336 13.02 17.27 -30.95
C SER B 336 11.94 18.11 -31.65
N ALA B 337 11.52 19.19 -31.00
CA ALA B 337 10.39 20.01 -31.46
C ALA B 337 10.78 21.13 -32.43
N SER B 338 9.78 21.74 -33.05
CA SER B 338 9.96 22.85 -33.99
C SER B 338 10.64 24.07 -33.39
N GLY C 1 -2.53 -11.83 35.59
CA GLY C 1 -1.42 -12.72 35.15
C GLY C 1 -1.83 -14.17 34.90
N ARG C 2 -1.34 -14.70 33.78
CA ARG C 2 -1.39 -16.14 33.49
C ARG C 2 0.05 -16.59 33.27
N PRO C 3 0.31 -17.91 33.40
CA PRO C 3 1.67 -18.39 33.18
C PRO C 3 2.09 -18.25 31.73
N ARG C 4 3.41 -18.15 31.50
CA ARG C 4 3.96 -18.12 30.16
C ARG C 4 3.57 -19.41 29.41
N THR C 5 3.45 -19.31 28.10
CA THR C 5 3.08 -20.47 27.28
C THR C 5 4.28 -21.00 26.50
N THR C 6 4.24 -22.30 26.21
CA THR C 6 5.29 -22.99 25.46
C THR C 6 4.71 -23.50 24.14
N SER C 7 5.35 -23.16 23.02
CA SER C 7 4.92 -23.67 21.72
C SER C 7 5.40 -25.11 21.54
N PHE C 8 4.79 -25.82 20.60
CA PHE C 8 5.08 -27.23 20.39
C PHE C 8 4.78 -27.62 18.95
N ALA C 9 5.24 -28.82 18.58
CA ALA C 9 4.81 -29.50 17.35
C ALA C 9 4.81 -31.01 17.63
N GLU C 10 3.81 -31.71 17.12
CA GLU C 10 3.56 -33.13 17.44
C GLU C 10 4.82 -34.01 17.49
N GLY D 1 -7.56 15.51 2.66
CA GLY D 1 -8.61 14.85 1.81
C GLY D 1 -8.31 13.38 1.56
N ARG D 2 -8.73 12.89 0.39
CA ARG D 2 -8.52 11.49 0.01
C ARG D 2 -7.05 11.16 -0.22
N PRO D 3 -6.68 9.87 -0.07
CA PRO D 3 -5.33 9.44 -0.40
C PRO D 3 -5.06 9.52 -1.91
N ARG D 4 -3.82 9.85 -2.25
CA ARG D 4 -3.34 9.92 -3.64
C ARG D 4 -3.53 8.59 -4.34
N THR D 5 -3.92 8.62 -5.61
CA THR D 5 -4.18 7.40 -6.36
C THR D 5 -3.01 7.00 -7.27
N THR D 6 -3.07 5.78 -7.80
CA THR D 6 -2.01 5.25 -8.64
C THR D 6 -2.58 4.43 -9.82
N SER D 7 -2.08 4.71 -11.02
CA SER D 7 -2.60 4.05 -12.23
C SER D 7 -1.95 2.70 -12.51
N PHE D 8 -2.79 1.73 -12.83
CA PHE D 8 -2.36 0.35 -13.08
C PHE D 8 -2.70 -0.06 -14.52
N ALA D 9 -2.22 -1.24 -14.91
CA ALA D 9 -2.64 -1.92 -16.13
C ALA D 9 -2.57 -3.44 -15.95
N GLU D 10 -3.63 -4.13 -16.34
CA GLU D 10 -3.71 -5.59 -16.25
C GLU D 10 -4.09 -6.23 -17.58
PG ANP E . 8.19 -20.50 21.61
O1G ANP E . 7.27 -19.39 21.99
O2G ANP E . 8.05 -21.77 22.56
O3G ANP E . 7.99 -20.91 20.10
PB ANP E . 11.18 -19.99 20.73
O1B ANP E . 12.04 -21.08 21.29
O2B ANP E . 10.66 -20.38 19.28
N3B ANP E . 9.80 -19.87 21.79
PA ANP E . 11.69 -17.02 20.53
O1A ANP E . 12.14 -16.63 19.15
O2A ANP E . 10.16 -16.64 20.74
O3A ANP E . 11.91 -18.58 20.73
O5' ANP E . 12.54 -16.25 21.63
C5' ANP E . 12.33 -16.36 23.04
C4' ANP E . 12.16 -15.00 23.73
O4' ANP E . 13.28 -14.16 23.47
C3' ANP E . 10.92 -14.22 23.27
O3' ANP E . 9.79 -14.59 24.05
C2' ANP E . 11.34 -12.76 23.54
O2' ANP E . 11.05 -12.37 24.89
C1' ANP E . 12.85 -12.83 23.32
N9 ANP E . 13.13 -12.38 21.91
C8 ANP E . 13.17 -13.12 20.73
N7 ANP E . 13.43 -12.49 19.60
C5 ANP E . 13.57 -11.21 20.09
C6 ANP E . 13.87 -10.00 19.41
N6 ANP E . 14.03 -10.09 18.06
N1 ANP E . 13.96 -8.83 20.08
C2 ANP E . 13.76 -8.90 21.41
N3 ANP E . 13.48 -9.98 22.17
C4 ANP E . 13.39 -11.13 21.48
MN MN F . 8.25 -17.58 20.92
MN MN G . 8.96 -20.82 18.09
PG ANP H . 0.45 7.51 -12.16
O1G ANP H . -1.01 7.70 -12.42
O2G ANP H . 0.87 8.00 -10.71
O3G ANP H . 0.89 6.01 -12.39
PB ANP H . 2.93 8.34 -13.93
O1B ANP H . 3.71 7.56 -12.93
O2B ANP H . 2.86 7.60 -15.34
N3B ANP H . 1.30 8.48 -13.33
PA ANP H . 3.19 11.34 -14.23
O1A ANP H . 3.50 11.85 -15.60
O2A ANP H . 1.64 11.52 -13.93
O3A ANP H . 3.55 9.79 -14.12
O5' ANP H . 4.05 12.11 -13.14
C5' ANP H . 3.71 12.23 -11.76
C4' ANP H . 3.65 13.70 -11.31
O4' ANP H . 4.71 14.50 -11.85
C3' ANP H . 2.38 14.46 -11.71
O3' ANP H . 1.26 14.02 -10.98
C2' ANP H . 2.82 15.89 -11.36
O2' ANP H . 2.84 16.10 -9.95
C1' ANP H . 4.29 15.86 -11.85
N9 ANP H . 4.35 16.43 -13.24
C8 ANP H . 4.23 15.79 -14.49
N7 ANP H . 4.33 16.54 -15.58
C5 ANP H . 4.53 17.76 -14.99
C6 ANP H . 4.72 19.03 -15.59
N6 ANP H . 4.71 19.04 -16.95
N1 ANP H . 4.92 20.13 -14.84
C2 ANP H . 4.92 19.95 -13.50
N3 ANP H . 4.74 18.80 -12.81
C4 ANP H . 4.56 17.72 -13.59
MN MN I . -0.36 10.36 -13.25
MN MN J . 0.75 6.74 -16.29
#